data_3AY6
#
_entry.id   3AY6
#
_cell.length_a   57.143
_cell.length_b   127.033
_cell.length_c   88.661
_cell.angle_alpha   90.00
_cell.angle_beta   94.94
_cell.angle_gamma   90.00
#
_symmetry.space_group_name_H-M   'P 1 21 1'
#
loop_
_entity.id
_entity.type
_entity.pdbx_description
1 polymer 'Glucose 1-dehydrogenase 4'
2 non-polymer '1,4-DIHYDRONICOTINAMIDE ADENINE DINUCLEOTIDE'
3 non-polymer beta-D-glucopyranose
4 non-polymer 'CHLORIDE ION'
5 water water
#
_entity_poly.entity_id   1
_entity_poly.type   'polypeptide(L)'
_entity_poly.pdbx_seq_one_letter_code
;MGHHHHHHMYTDLKDKVVVITGGSTGLGRAMAVRFGQEEAKVVINYYNNEEEALDAKKEVEEAGGQAIIVQGDVTKEEDV
VNLVQTAIKEFGTLDVMINNAGVENPVPSHELSLDNWNKVIDTNLTGAFLGSREAIKYFVENDIKGNVINMSSVHEMIPW
PLFVHYAASKGGMKLMTETLALEYAPKGIRVNNIGPGAMNTPINAEKFADPVQRADVESMIPMGYIGKPEEVAAVAAFLA
SSQASYVTGITLFADGGMTKYPSFQFGRG
;
_entity_poly.pdbx_strand_id   A,B,C,D
#
# COMPACT_ATOMS: atom_id res chain seq x y z
N HIS A 7 -37.83 -12.43 -8.24
CA HIS A 7 -37.17 -11.12 -7.94
C HIS A 7 -35.87 -11.33 -7.16
N HIS A 8 -34.91 -10.41 -7.38
CA HIS A 8 -33.59 -10.54 -6.78
C HIS A 8 -32.95 -9.19 -6.44
N MET A 9 -31.74 -9.23 -5.88
CA MET A 9 -30.99 -8.08 -5.36
C MET A 9 -30.61 -7.03 -6.40
N TYR A 10 -29.89 -7.47 -7.43
CA TYR A 10 -29.33 -6.57 -8.43
C TYR A 10 -30.10 -6.71 -9.73
N THR A 11 -31.15 -5.91 -9.90
CA THR A 11 -32.04 -6.09 -11.04
C THR A 11 -31.27 -5.96 -12.37
N ASP A 12 -30.27 -5.08 -12.39
CA ASP A 12 -29.44 -4.87 -13.58
C ASP A 12 -28.59 -6.08 -14.01
N LEU A 13 -28.47 -7.09 -13.16
CA LEU A 13 -27.70 -8.29 -13.52
C LEU A 13 -28.51 -9.31 -14.32
N LYS A 14 -29.83 -9.12 -14.36
CA LYS A 14 -30.71 -9.98 -15.16
C LYS A 14 -30.26 -10.06 -16.61
N ASP A 15 -30.08 -11.28 -17.12
CA ASP A 15 -29.72 -11.51 -18.54
C ASP A 15 -28.33 -11.02 -18.96
N LYS A 16 -27.52 -10.60 -18.01
CA LYS A 16 -26.12 -10.30 -18.27
C LYS A 16 -25.36 -11.60 -18.51
N VAL A 17 -24.45 -11.58 -19.48
CA VAL A 17 -23.62 -12.74 -19.83
C VAL A 17 -22.32 -12.68 -19.04
N VAL A 18 -22.15 -13.68 -18.17
CA VAL A 18 -21.07 -13.75 -17.18
C VAL A 18 -20.25 -15.00 -17.40
N VAL A 19 -18.97 -14.84 -17.75
CA VAL A 19 -18.05 -15.96 -17.92
C VAL A 19 -17.19 -16.12 -16.67
N ILE A 20 -17.05 -17.38 -16.23
CA ILE A 20 -16.33 -17.70 -14.99
C ILE A 20 -15.38 -18.88 -15.20
N THR A 21 -14.08 -18.59 -15.17
CA THR A 21 -13.09 -19.67 -15.24
C THR A 21 -13.00 -20.32 -13.85
N GLY A 22 -12.74 -21.62 -13.82
CA GLY A 22 -12.85 -22.41 -12.57
C GLY A 22 -14.27 -22.37 -12.02
N GLY A 23 -15.24 -22.21 -12.92
CA GLY A 23 -16.63 -22.01 -12.51
C GLY A 23 -17.36 -23.21 -11.92
N SER A 24 -16.70 -24.35 -11.82
CA SER A 24 -17.39 -25.59 -11.37
C SER A 24 -17.12 -26.04 -9.94
N THR A 25 -16.22 -25.35 -9.24
CA THR A 25 -15.88 -25.70 -7.86
C THR A 25 -15.69 -24.41 -7.09
N GLY A 26 -15.69 -24.53 -5.76
CA GLY A 26 -15.23 -23.48 -4.86
C GLY A 26 -15.85 -22.11 -5.10
N LEU A 27 -15.00 -21.08 -5.14
CA LEU A 27 -15.47 -19.72 -5.34
C LEU A 27 -16.13 -19.57 -6.71
N GLY A 28 -15.54 -20.19 -7.73
CA GLY A 28 -16.12 -20.17 -9.07
C GLY A 28 -17.57 -20.63 -9.09
N ARG A 29 -17.83 -21.77 -8.46
CA ARG A 29 -19.18 -22.35 -8.42
C ARG A 29 -20.10 -21.45 -7.60
N ALA A 30 -19.61 -20.94 -6.48
CA ALA A 30 -20.41 -20.06 -5.63
C ALA A 30 -20.82 -18.82 -6.41
N MET A 31 -19.88 -18.24 -7.17
CA MET A 31 -20.20 -17.10 -8.04
C MET A 31 -21.21 -17.49 -9.10
N ALA A 32 -21.00 -18.61 -9.77
CA ALA A 32 -21.93 -19.06 -10.82
C ALA A 32 -23.37 -19.16 -10.30
N VAL A 33 -23.53 -19.81 -9.14
CA VAL A 33 -24.85 -19.94 -8.52
C VAL A 33 -25.42 -18.57 -8.17
N ARG A 34 -24.59 -17.69 -7.60
CA ARG A 34 -25.04 -16.38 -7.20
C ARG A 34 -25.52 -15.56 -8.41
N PHE A 35 -24.75 -15.60 -9.50
CA PHE A 35 -25.17 -14.89 -10.69
C PHE A 35 -26.45 -15.50 -11.28
N GLY A 36 -26.63 -16.80 -11.06
CA GLY A 36 -27.87 -17.48 -11.40
C GLY A 36 -29.04 -16.94 -10.60
N GLN A 37 -28.83 -16.69 -9.31
CA GLN A 37 -29.84 -16.06 -8.45
C GLN A 37 -30.19 -14.65 -8.94
N GLU A 38 -29.24 -14.00 -9.60
CA GLU A 38 -29.50 -12.67 -10.18
C GLU A 38 -30.05 -12.81 -11.60
N GLU A 39 -30.38 -14.04 -12.00
CA GLU A 39 -31.01 -14.35 -13.28
C GLU A 39 -30.12 -13.98 -14.46
N ALA A 40 -28.82 -14.21 -14.29
CA ALA A 40 -27.83 -13.99 -15.35
C ALA A 40 -27.67 -15.23 -16.22
N LYS A 41 -26.94 -15.07 -17.31
CA LYS A 41 -26.57 -16.17 -18.21
C LYS A 41 -25.11 -16.48 -17.97
N VAL A 42 -24.87 -17.62 -17.32
CA VAL A 42 -23.54 -18.00 -16.83
C VAL A 42 -22.84 -19.03 -17.71
N VAL A 43 -21.61 -18.69 -18.11
CA VAL A 43 -20.76 -19.60 -18.88
C VAL A 43 -19.73 -20.18 -17.92
N ILE A 44 -19.92 -21.45 -17.56
CA ILE A 44 -19.04 -22.13 -16.62
C ILE A 44 -17.90 -22.77 -17.35
N ASN A 45 -16.71 -22.21 -17.22
CA ASN A 45 -15.52 -22.82 -17.77
C ASN A 45 -15.01 -23.89 -16.81
N TYR A 46 -14.45 -24.97 -17.33
CA TYR A 46 -13.92 -26.04 -16.47
C TYR A 46 -12.73 -26.70 -17.13
N TYR A 47 -11.80 -27.16 -16.31
CA TYR A 47 -10.59 -27.83 -16.79
C TYR A 47 -10.84 -29.26 -17.31
N ASN A 48 -11.26 -30.18 -16.44
CA ASN A 48 -11.51 -31.55 -16.87
C ASN A 48 -12.51 -32.42 -16.10
N ASN A 49 -13.19 -31.88 -15.10
CA ASN A 49 -14.25 -32.65 -14.44
C ASN A 49 -15.62 -32.26 -14.98
N GLU A 50 -15.99 -32.93 -16.07
CA GLU A 50 -17.24 -32.66 -16.77
C GLU A 50 -18.49 -32.81 -15.93
N GLU A 51 -18.55 -33.86 -15.10
CA GLU A 51 -19.76 -34.14 -14.31
C GLU A 51 -20.00 -33.14 -13.18
N GLU A 52 -18.92 -32.67 -12.57
CA GLU A 52 -18.97 -31.59 -11.61
C GLU A 52 -19.45 -30.29 -12.27
N ALA A 53 -18.96 -30.01 -13.48
CA ALA A 53 -19.41 -28.85 -14.26
C ALA A 53 -20.90 -28.95 -14.60
N LEU A 54 -21.36 -30.16 -14.91
CA LEU A 54 -22.79 -30.42 -15.15
C LEU A 54 -23.62 -30.21 -13.90
N ASP A 55 -23.11 -30.68 -12.75
CA ASP A 55 -23.75 -30.41 -11.46
C ASP A 55 -23.91 -28.89 -11.21
N ALA A 56 -22.84 -28.14 -11.48
CA ALA A 56 -22.83 -26.70 -11.29
C ALA A 56 -23.85 -26.01 -12.20
N LYS A 57 -23.90 -26.45 -13.46
CA LYS A 57 -24.87 -25.93 -14.46
C LYS A 57 -26.30 -26.11 -13.98
N LYS A 58 -26.57 -27.26 -13.37
CA LYS A 58 -27.89 -27.60 -12.84
C LYS A 58 -28.23 -26.69 -11.67
N GLU A 59 -27.25 -26.40 -10.82
CA GLU A 59 -27.44 -25.44 -9.72
C GLU A 59 -27.76 -24.00 -10.17
N VAL A 60 -27.04 -23.51 -11.16
CA VAL A 60 -27.31 -22.18 -11.73
C VAL A 60 -28.76 -22.08 -12.21
N GLU A 61 -29.17 -23.02 -13.08
CA GLU A 61 -30.54 -23.09 -13.62
C GLU A 61 -31.61 -23.11 -12.53
N GLU A 62 -31.42 -23.97 -11.53
CA GLU A 62 -32.35 -24.05 -10.41
C GLU A 62 -32.40 -22.76 -9.61
N ALA A 63 -31.23 -22.12 -9.45
CA ALA A 63 -31.16 -20.82 -8.79
C ALA A 63 -31.90 -19.73 -9.58
N GLY A 64 -32.18 -19.99 -10.85
CA GLY A 64 -32.94 -19.04 -11.68
C GLY A 64 -32.21 -18.42 -12.85
N GLY A 65 -31.02 -18.92 -13.18
CA GLY A 65 -30.30 -18.42 -14.35
C GLY A 65 -30.28 -19.38 -15.53
N GLN A 66 -29.61 -18.98 -16.60
CA GLN A 66 -29.21 -19.92 -17.66
C GLN A 66 -27.71 -20.18 -17.59
N ALA A 67 -27.32 -21.34 -18.10
CA ALA A 67 -25.92 -21.76 -18.03
C ALA A 67 -25.51 -22.70 -19.15
N ILE A 68 -24.26 -22.56 -19.57
CA ILE A 68 -23.60 -23.55 -20.42
C ILE A 68 -22.27 -23.88 -19.77
N ILE A 69 -21.70 -25.02 -20.14
CA ILE A 69 -20.37 -25.38 -19.69
C ILE A 69 -19.45 -25.43 -20.89
N VAL A 70 -18.23 -24.94 -20.69
CA VAL A 70 -17.24 -24.95 -21.76
C VAL A 70 -15.92 -25.37 -21.18
N GLN A 71 -15.39 -26.45 -21.75
CA GLN A 71 -14.07 -26.93 -21.36
C GLN A 71 -12.99 -25.98 -21.84
N GLY A 72 -11.98 -25.77 -21.00
CA GLY A 72 -10.83 -24.98 -21.40
C GLY A 72 -9.77 -24.91 -20.34
N ASP A 73 -8.51 -25.03 -20.80
CA ASP A 73 -7.33 -24.84 -19.99
C ASP A 73 -6.88 -23.39 -20.22
N VAL A 74 -6.93 -22.60 -19.15
CA VAL A 74 -6.60 -21.16 -19.21
C VAL A 74 -5.12 -20.88 -19.54
N THR A 75 -4.28 -21.91 -19.47
CA THR A 75 -2.89 -21.79 -19.90
C THR A 75 -2.77 -21.94 -21.41
N LYS A 76 -3.88 -22.24 -22.08
CA LYS A 76 -3.85 -22.33 -23.55
C LYS A 76 -4.61 -21.17 -24.17
N GLU A 77 -3.88 -20.34 -24.91
CA GLU A 77 -4.49 -19.14 -25.52
C GLU A 77 -5.72 -19.42 -26.36
N GLU A 78 -5.66 -20.49 -27.16
CA GLU A 78 -6.82 -20.90 -27.98
C GLU A 78 -8.02 -21.35 -27.14
N ASP A 79 -7.77 -21.94 -25.97
CA ASP A 79 -8.87 -22.32 -25.07
C ASP A 79 -9.58 -21.10 -24.48
N VAL A 80 -8.82 -20.07 -24.16
CA VAL A 80 -9.38 -18.82 -23.63
C VAL A 80 -10.10 -18.07 -24.74
N VAL A 81 -9.50 -18.01 -25.93
CA VAL A 81 -10.16 -17.39 -27.10
C VAL A 81 -11.49 -18.11 -27.39
N ASN A 82 -11.44 -19.43 -27.48
CA ASN A 82 -12.65 -20.24 -27.69
C ASN A 82 -13.72 -19.99 -26.65
N LEU A 83 -13.30 -19.84 -25.39
CA LEU A 83 -14.24 -19.67 -24.27
C LEU A 83 -15.04 -18.40 -24.43
N VAL A 84 -14.36 -17.30 -24.76
CA VAL A 84 -15.02 -16.01 -24.91
C VAL A 84 -15.89 -16.03 -26.18
N GLN A 85 -15.32 -16.58 -27.26
CA GLN A 85 -16.08 -16.74 -28.51
C GLN A 85 -17.33 -17.60 -28.32
N THR A 86 -17.22 -18.69 -27.56
CA THR A 86 -18.39 -19.53 -27.28
C THR A 86 -19.47 -18.77 -26.53
N ALA A 87 -19.07 -17.93 -25.57
CA ALA A 87 -20.04 -17.14 -24.80
C ALA A 87 -20.80 -16.21 -25.71
N ILE A 88 -20.09 -15.54 -26.61
CA ILE A 88 -20.72 -14.61 -27.53
C ILE A 88 -21.69 -15.32 -28.50
N LYS A 89 -21.26 -16.46 -29.06
CA LYS A 89 -22.08 -17.24 -30.00
C LYS A 89 -23.37 -17.79 -29.36
N GLU A 90 -23.24 -18.32 -28.15
CA GLU A 90 -24.34 -18.97 -27.46
C GLU A 90 -25.33 -18.01 -26.83
N PHE A 91 -24.82 -16.98 -26.15
CA PHE A 91 -25.68 -16.05 -25.43
C PHE A 91 -25.84 -14.70 -26.12
N GLY A 92 -25.05 -14.47 -27.17
CA GLY A 92 -25.21 -13.27 -28.01
C GLY A 92 -24.25 -12.12 -27.74
N THR A 93 -23.62 -12.13 -26.56
CA THR A 93 -22.75 -11.03 -26.13
C THR A 93 -21.91 -11.47 -24.92
N LEU A 94 -21.19 -10.53 -24.32
CA LEU A 94 -20.46 -10.76 -23.08
C LEU A 94 -20.56 -9.50 -22.21
N ASP A 95 -20.89 -9.67 -20.94
CA ASP A 95 -21.03 -8.53 -20.05
C ASP A 95 -20.02 -8.49 -18.91
N VAL A 96 -19.74 -9.67 -18.31
CA VAL A 96 -18.83 -9.79 -17.17
C VAL A 96 -17.83 -10.93 -17.46
N MET A 97 -16.53 -10.64 -17.30
CA MET A 97 -15.49 -11.66 -17.39
C MET A 97 -14.92 -11.90 -16.00
N ILE A 98 -15.11 -13.09 -15.46
CA ILE A 98 -14.54 -13.44 -14.16
C ILE A 98 -13.41 -14.45 -14.36
N ASN A 99 -12.18 -14.00 -14.14
CA ASN A 99 -11.01 -14.88 -14.17
C ASN A 99 -10.68 -15.43 -12.77
N ASN A 100 -11.14 -16.64 -12.50
CA ASN A 100 -11.12 -17.15 -11.13
C ASN A 100 -10.23 -18.38 -10.97
N ALA A 101 -9.92 -19.06 -12.07
CA ALA A 101 -9.12 -20.28 -11.99
C ALA A 101 -7.75 -19.96 -11.41
N GLY A 102 -7.30 -20.83 -10.50
CA GLY A 102 -6.00 -20.71 -9.87
C GLY A 102 -5.58 -21.98 -9.14
N VAL A 103 -4.28 -22.12 -8.93
CA VAL A 103 -3.69 -23.31 -8.32
C VAL A 103 -2.56 -22.88 -7.39
N GLU A 104 -2.16 -23.79 -6.51
CA GLU A 104 -1.11 -23.53 -5.51
C GLU A 104 -0.59 -24.86 -4.99
N ASN A 105 0.62 -24.86 -4.44
CA ASN A 105 1.19 -25.98 -3.67
C ASN A 105 2.41 -25.49 -2.89
N PRO A 106 2.68 -26.04 -1.68
CA PRO A 106 3.82 -25.57 -0.88
C PRO A 106 5.16 -26.15 -1.29
N VAL A 107 6.15 -25.27 -1.45
CA VAL A 107 7.53 -25.68 -1.75
C VAL A 107 8.53 -24.66 -1.20
N PRO A 108 9.46 -25.08 -0.31
CA PRO A 108 10.53 -24.13 0.06
C PRO A 108 11.08 -23.42 -1.19
N SER A 109 11.13 -22.10 -1.14
CA SER A 109 11.45 -21.32 -2.36
C SER A 109 12.75 -21.71 -3.03
N HIS A 110 13.81 -21.94 -2.25
CA HIS A 110 15.12 -22.35 -2.81
C HIS A 110 15.09 -23.73 -3.48
N GLU A 111 14.01 -24.48 -3.25
CA GLU A 111 13.81 -25.82 -3.86
C GLU A 111 12.69 -25.85 -4.93
N LEU A 112 12.10 -24.70 -5.24
CA LEU A 112 10.96 -24.65 -6.15
C LEU A 112 11.44 -24.76 -7.59
N SER A 113 10.88 -25.73 -8.32
CA SER A 113 11.29 -25.97 -9.71
C SER A 113 10.72 -24.90 -10.63
N LEU A 114 11.44 -24.62 -11.71
CA LEU A 114 10.95 -23.71 -12.74
C LEU A 114 9.59 -24.19 -13.29
N ASP A 115 9.45 -25.48 -13.62
CA ASP A 115 8.18 -26.01 -14.12
C ASP A 115 7.02 -25.71 -13.19
N ASN A 116 7.25 -25.88 -11.89
CA ASN A 116 6.27 -25.60 -10.86
C ASN A 116 5.96 -24.09 -10.77
N TRP A 117 7.02 -23.28 -10.74
CA TRP A 117 6.89 -21.82 -10.82
C TRP A 117 5.97 -21.47 -12.00
N ASN A 118 6.34 -21.97 -13.19
CA ASN A 118 5.62 -21.68 -14.42
C ASN A 118 4.16 -22.09 -14.41
N LYS A 119 3.86 -23.24 -13.82
CA LYS A 119 2.49 -23.75 -13.79
C LYS A 119 1.60 -22.79 -13.02
N VAL A 120 2.08 -22.37 -11.84
CA VAL A 120 1.32 -21.43 -11.02
C VAL A 120 1.24 -20.03 -11.71
N ILE A 121 2.35 -19.53 -12.25
CA ILE A 121 2.35 -18.21 -12.94
C ILE A 121 1.41 -18.18 -14.15
N ASP A 122 1.51 -19.21 -15.00
CA ASP A 122 0.72 -19.33 -16.24
C ASP A 122 -0.76 -19.44 -15.97
N THR A 123 -1.14 -20.21 -14.95
CA THR A 123 -2.54 -20.41 -14.64
C THR A 123 -3.11 -19.13 -14.01
N ASN A 124 -2.48 -18.70 -12.92
CA ASN A 124 -3.04 -17.70 -12.01
C ASN A 124 -2.98 -16.30 -12.60
N LEU A 125 -1.86 -15.98 -13.24
CA LEU A 125 -1.62 -14.63 -13.72
C LEU A 125 -1.83 -14.54 -15.23
N THR A 126 -1.09 -15.34 -15.98
CA THR A 126 -1.17 -15.23 -17.44
C THR A 126 -2.54 -15.67 -17.91
N GLY A 127 -3.12 -16.66 -17.23
CA GLY A 127 -4.52 -17.03 -17.48
C GLY A 127 -5.48 -15.84 -17.35
N ALA A 128 -5.32 -15.07 -16.28
CA ALA A 128 -6.21 -13.93 -16.04
C ALA A 128 -5.94 -12.82 -17.06
N PHE A 129 -4.68 -12.67 -17.47
CA PHE A 129 -4.36 -11.75 -18.56
C PHE A 129 -5.10 -12.09 -19.85
N LEU A 130 -4.99 -13.36 -20.28
CA LEU A 130 -5.63 -13.81 -21.50
C LEU A 130 -7.14 -13.60 -21.46
N GLY A 131 -7.78 -14.03 -20.36
CA GLY A 131 -9.20 -13.81 -20.15
C GLY A 131 -9.58 -12.33 -20.19
N SER A 132 -8.76 -11.50 -19.55
CA SER A 132 -9.03 -10.08 -19.44
C SER A 132 -8.87 -9.46 -20.82
N ARG A 133 -7.83 -9.86 -21.55
CA ARG A 133 -7.53 -9.33 -22.88
C ARG A 133 -8.64 -9.66 -23.86
N GLU A 134 -9.11 -10.89 -23.84
CA GLU A 134 -10.17 -11.30 -24.74
C GLU A 134 -11.50 -10.57 -24.48
N ALA A 135 -11.88 -10.45 -23.21
CA ALA A 135 -13.09 -9.71 -22.86
C ALA A 135 -13.02 -8.23 -23.21
N ILE A 136 -11.89 -7.60 -22.91
CA ILE A 136 -11.71 -6.17 -23.18
C ILE A 136 -11.70 -5.88 -24.69
N LYS A 137 -11.04 -6.75 -25.45
CA LYS A 137 -11.05 -6.69 -26.91
C LYS A 137 -12.47 -6.70 -27.43
N TYR A 138 -13.29 -7.61 -26.90
CA TYR A 138 -14.69 -7.65 -27.29
C TYR A 138 -15.43 -6.38 -26.88
N PHE A 139 -15.25 -5.96 -25.61
CA PHE A 139 -15.90 -4.74 -25.10
C PHE A 139 -15.55 -3.52 -25.99
N VAL A 140 -14.28 -3.43 -26.41
CA VAL A 140 -13.77 -2.27 -27.13
C VAL A 140 -14.25 -2.26 -28.60
N GLU A 141 -14.17 -3.39 -29.28
CA GLU A 141 -14.63 -3.52 -30.64
C GLU A 141 -16.14 -3.29 -30.80
N ASN A 142 -16.90 -3.48 -29.73
CA ASN A 142 -18.36 -3.38 -29.76
C ASN A 142 -19.01 -2.28 -28.92
N ASP A 143 -18.22 -1.28 -28.48
CA ASP A 143 -18.69 -0.20 -27.58
C ASP A 143 -19.52 -0.67 -26.39
N ILE A 144 -19.10 -1.75 -25.73
CA ILE A 144 -19.82 -2.22 -24.57
C ILE A 144 -19.10 -1.79 -23.30
N LYS A 145 -19.86 -1.27 -22.34
CA LYS A 145 -19.32 -0.89 -21.02
C LYS A 145 -19.24 -2.12 -20.09
N GLY A 146 -18.38 -3.04 -20.47
CA GLY A 146 -18.25 -4.32 -19.79
C GLY A 146 -17.48 -4.24 -18.48
N ASN A 147 -17.43 -5.38 -17.79
CA ASN A 147 -16.93 -5.49 -16.44
C ASN A 147 -15.98 -6.71 -16.38
N VAL A 148 -14.80 -6.53 -15.77
CA VAL A 148 -13.88 -7.64 -15.53
C VAL A 148 -13.63 -7.79 -14.03
N ILE A 149 -13.76 -9.02 -13.54
CA ILE A 149 -13.42 -9.31 -12.16
C ILE A 149 -12.32 -10.37 -12.14
N ASN A 150 -11.16 -10.04 -11.56
CA ASN A 150 -10.09 -11.02 -11.40
C ASN A 150 -9.98 -11.51 -9.97
N MET A 151 -9.87 -12.82 -9.80
CA MET A 151 -9.83 -13.39 -8.44
C MET A 151 -8.39 -13.40 -7.97
N SER A 152 -8.09 -12.47 -7.08
CA SER A 152 -6.77 -12.34 -6.53
C SER A 152 -6.79 -13.06 -5.17
N SER A 153 -6.23 -12.41 -4.17
CA SER A 153 -6.08 -13.03 -2.85
C SER A 153 -5.50 -11.98 -1.91
N VAL A 154 -5.63 -12.21 -0.61
CA VAL A 154 -4.91 -11.43 0.37
C VAL A 154 -3.41 -11.52 0.08
N HIS A 155 -2.99 -12.55 -0.66
CA HIS A 155 -1.58 -12.70 -1.01
C HIS A 155 -1.11 -11.86 -2.19
N GLU A 156 -1.95 -10.94 -2.64
CA GLU A 156 -1.46 -9.81 -3.45
C GLU A 156 -0.87 -8.74 -2.52
N MET A 157 -1.07 -8.92 -1.22
CA MET A 157 -0.55 -7.99 -0.20
C MET A 157 0.27 -8.75 0.89
N ILE A 158 -0.27 -9.88 1.34
CA ILE A 158 0.38 -10.74 2.36
C ILE A 158 1.39 -11.71 1.70
N PRO A 159 2.70 -11.50 1.94
CA PRO A 159 3.70 -12.40 1.40
C PRO A 159 3.45 -13.83 1.94
N TRP A 160 3.94 -14.85 1.26
CA TRP A 160 3.55 -16.22 1.61
C TRP A 160 4.70 -17.23 1.39
N PRO A 161 5.65 -17.30 2.34
CA PRO A 161 6.72 -18.31 2.31
C PRO A 161 6.15 -19.67 1.90
N LEU A 162 6.91 -20.41 1.11
CA LEU A 162 6.51 -21.71 0.54
C LEU A 162 5.52 -21.61 -0.63
N PHE A 163 5.03 -20.39 -0.88
CA PHE A 163 4.06 -20.17 -1.94
C PHE A 163 4.50 -18.93 -2.74
N VAL A 164 5.79 -18.85 -3.04
CA VAL A 164 6.34 -17.65 -3.64
C VAL A 164 5.78 -17.45 -5.07
N HIS A 165 5.58 -18.56 -5.78
CA HIS A 165 4.96 -18.54 -7.11
C HIS A 165 3.53 -18.02 -7.02
N TYR A 166 2.80 -18.50 -6.04
CA TYR A 166 1.44 -18.01 -5.84
C TYR A 166 1.40 -16.52 -5.48
N ALA A 167 2.22 -16.10 -4.53
CA ALA A 167 2.28 -14.72 -4.09
C ALA A 167 2.62 -13.80 -5.28
N ALA A 168 3.67 -14.18 -6.00
CA ALA A 168 4.11 -13.47 -7.21
C ALA A 168 2.98 -13.40 -8.22
N SER A 169 2.25 -14.50 -8.44
CA SER A 169 1.13 -14.49 -9.39
C SER A 169 0.04 -13.46 -9.01
N LYS A 170 -0.29 -13.37 -7.71
CA LYS A 170 -1.34 -12.46 -7.23
C LYS A 170 -0.86 -11.00 -7.16
N GLY A 171 0.40 -10.82 -6.80
CA GLY A 171 1.06 -9.52 -6.86
C GLY A 171 1.07 -8.94 -8.27
N GLY A 172 1.30 -9.80 -9.27
CA GLY A 172 1.26 -9.44 -10.68
C GLY A 172 -0.16 -9.11 -11.10
N MET A 173 -1.11 -9.96 -10.70
CA MET A 173 -2.53 -9.74 -10.99
C MET A 173 -3.01 -8.36 -10.48
N LYS A 174 -2.52 -7.96 -9.30
CA LYS A 174 -2.87 -6.67 -8.76
C LYS A 174 -2.51 -5.57 -9.78
N LEU A 175 -1.24 -5.53 -10.20
CA LEU A 175 -0.78 -4.46 -11.10
C LEU A 175 -1.39 -4.58 -12.52
N MET A 176 -1.61 -5.81 -12.94
CA MET A 176 -2.36 -6.09 -14.15
C MET A 176 -3.75 -5.49 -14.14
N THR A 177 -4.56 -5.88 -13.17
CA THR A 177 -5.89 -5.32 -12.97
C THR A 177 -5.87 -3.78 -12.87
N GLU A 178 -4.92 -3.23 -12.11
CA GLU A 178 -4.93 -1.78 -11.88
C GLU A 178 -4.59 -1.05 -13.17
N THR A 179 -3.66 -1.62 -13.92
CA THR A 179 -3.25 -1.11 -15.23
C THR A 179 -4.41 -1.13 -16.23
N LEU A 180 -5.06 -2.29 -16.37
CA LEU A 180 -6.19 -2.41 -17.26
C LEU A 180 -7.32 -1.48 -16.84
N ALA A 181 -7.55 -1.35 -15.54
CA ALA A 181 -8.59 -0.45 -15.06
C ALA A 181 -8.29 0.99 -15.46
N LEU A 182 -7.04 1.41 -15.30
CA LEU A 182 -6.62 2.75 -15.72
C LEU A 182 -6.73 2.95 -17.23
N GLU A 183 -6.26 1.96 -17.98
CA GLU A 183 -6.21 2.01 -19.45
C GLU A 183 -7.59 2.10 -20.10
N TYR A 184 -8.57 1.43 -19.48
CA TYR A 184 -9.90 1.28 -20.09
C TYR A 184 -11.01 2.02 -19.38
N ALA A 185 -10.67 2.71 -18.29
CA ALA A 185 -11.66 3.55 -17.60
C ALA A 185 -12.34 4.58 -18.51
N PRO A 186 -11.60 5.24 -19.43
CA PRO A 186 -12.25 6.24 -20.32
C PRO A 186 -13.35 5.63 -21.19
N LYS A 187 -13.31 4.32 -21.39
CA LYS A 187 -14.34 3.62 -22.16
C LYS A 187 -15.50 3.09 -21.33
N GLY A 188 -15.46 3.34 -20.01
CA GLY A 188 -16.50 2.84 -19.12
C GLY A 188 -16.38 1.36 -18.78
N ILE A 189 -15.23 0.76 -19.09
CA ILE A 189 -14.93 -0.64 -18.73
C ILE A 189 -14.28 -0.69 -17.35
N ARG A 190 -14.95 -1.34 -16.40
CA ARG A 190 -14.42 -1.45 -15.06
C ARG A 190 -13.69 -2.79 -14.87
N VAL A 191 -12.53 -2.73 -14.22
CA VAL A 191 -11.71 -3.91 -13.96
C VAL A 191 -11.33 -3.84 -12.47
N ASN A 192 -11.69 -4.88 -11.71
CA ASN A 192 -11.46 -4.94 -10.26
C ASN A 192 -10.99 -6.31 -9.81
N ASN A 193 -10.26 -6.35 -8.70
CA ASN A 193 -9.89 -7.60 -8.05
C ASN A 193 -10.73 -7.82 -6.82
N ILE A 194 -10.93 -9.10 -6.48
CA ILE A 194 -11.41 -9.53 -5.19
C ILE A 194 -10.24 -10.23 -4.49
N GLY A 195 -10.00 -9.88 -3.23
CA GLY A 195 -8.97 -10.55 -2.44
C GLY A 195 -9.51 -11.37 -1.27
N PRO A 196 -9.89 -12.64 -1.50
CA PRO A 196 -10.43 -13.42 -0.38
C PRO A 196 -9.36 -13.88 0.61
N GLY A 197 -9.76 -14.08 1.87
CA GLY A 197 -8.88 -14.71 2.84
C GLY A 197 -9.04 -16.21 2.74
N ALA A 198 -8.80 -16.93 3.83
CA ALA A 198 -9.06 -18.38 3.88
C ALA A 198 -10.55 -18.69 3.65
N MET A 199 -10.86 -19.43 2.58
CA MET A 199 -12.24 -19.82 2.26
C MET A 199 -12.41 -21.35 2.25
N ASN A 200 -13.63 -21.78 2.58
CA ASN A 200 -13.94 -23.21 2.54
C ASN A 200 -14.18 -23.71 1.13
N THR A 201 -13.13 -24.19 0.49
CA THR A 201 -13.20 -24.63 -0.90
C THR A 201 -12.25 -25.80 -1.02
N PRO A 202 -12.25 -26.51 -2.19
CA PRO A 202 -11.33 -27.61 -2.39
C PRO A 202 -9.86 -27.23 -2.43
N ILE A 203 -9.53 -25.96 -2.66
CA ILE A 203 -8.12 -25.57 -2.65
C ILE A 203 -7.49 -25.80 -1.25
N ASN A 204 -8.35 -25.81 -0.24
CA ASN A 204 -7.97 -25.95 1.16
C ASN A 204 -8.45 -27.26 1.83
N ALA A 205 -9.09 -28.13 1.04
CA ALA A 205 -9.73 -29.36 1.55
C ALA A 205 -8.80 -30.21 2.42
N GLU A 206 -7.63 -30.56 1.87
CA GLU A 206 -6.66 -31.39 2.58
C GLU A 206 -6.16 -30.69 3.85
N LYS A 207 -5.80 -29.42 3.73
CA LYS A 207 -5.45 -28.57 4.88
C LYS A 207 -6.56 -28.57 5.95
N PHE A 208 -7.80 -28.35 5.53
CA PHE A 208 -8.89 -28.25 6.50
C PHE A 208 -9.41 -29.61 7.05
N ALA A 209 -9.00 -30.72 6.43
CA ALA A 209 -9.36 -32.06 6.92
C ALA A 209 -8.50 -32.41 8.14
N ASP A 210 -7.30 -31.82 8.19
CA ASP A 210 -6.41 -31.85 9.33
C ASP A 210 -6.89 -30.82 10.39
N PRO A 211 -7.39 -31.32 11.55
CA PRO A 211 -7.98 -30.42 12.55
C PRO A 211 -7.01 -29.44 13.19
N VAL A 212 -5.72 -29.81 13.28
CA VAL A 212 -4.76 -28.86 13.87
C VAL A 212 -4.48 -27.69 12.90
N GLN A 213 -4.23 -27.99 11.64
CA GLN A 213 -4.07 -26.94 10.62
C GLN A 213 -5.34 -26.07 10.52
N ARG A 214 -6.51 -26.68 10.51
CA ARG A 214 -7.77 -25.94 10.43
C ARG A 214 -7.88 -24.88 11.51
N ALA A 215 -7.71 -25.28 12.78
CA ALA A 215 -7.71 -24.33 13.89
C ALA A 215 -6.55 -23.29 13.80
N ASP A 216 -5.40 -23.71 13.30
CA ASP A 216 -4.27 -22.79 13.09
C ASP A 216 -4.65 -21.67 12.08
N VAL A 217 -5.29 -22.04 10.98
CA VAL A 217 -5.75 -21.04 10.01
C VAL A 217 -6.81 -20.14 10.66
N GLU A 218 -7.76 -20.74 11.36
CA GLU A 218 -8.80 -19.96 12.05
C GLU A 218 -8.23 -18.97 13.05
N SER A 219 -7.11 -19.33 13.67
CA SER A 219 -6.42 -18.44 14.60
C SER A 219 -5.80 -17.20 13.92
N MET A 220 -5.71 -17.22 12.59
CA MET A 220 -5.14 -16.08 11.81
C MET A 220 -6.22 -15.22 11.15
N ILE A 221 -7.48 -15.61 11.37
CA ILE A 221 -8.61 -14.84 10.91
C ILE A 221 -9.18 -14.07 12.10
N PRO A 222 -8.98 -12.73 12.08
CA PRO A 222 -9.49 -11.96 13.20
C PRO A 222 -11.00 -12.19 13.46
N MET A 223 -11.81 -12.26 12.39
CA MET A 223 -13.26 -12.50 12.58
C MET A 223 -13.59 -13.90 13.16
N GLY A 224 -12.60 -14.80 13.17
CA GLY A 224 -12.74 -16.07 13.88
C GLY A 224 -13.26 -17.26 13.08
N TYR A 225 -13.63 -17.05 11.81
CA TYR A 225 -14.09 -18.16 10.98
C TYR A 225 -13.57 -18.14 9.54
N ILE A 226 -13.33 -19.35 9.03
CA ILE A 226 -13.09 -19.61 7.61
C ILE A 226 -14.28 -19.13 6.77
N GLY A 227 -13.99 -18.36 5.72
CA GLY A 227 -15.05 -17.75 4.95
C GLY A 227 -15.90 -18.75 4.20
N LYS A 228 -17.19 -18.44 4.04
CA LYS A 228 -18.06 -19.25 3.18
C LYS A 228 -18.06 -18.67 1.76
N PRO A 229 -17.98 -19.56 0.74
CA PRO A 229 -17.86 -19.11 -0.65
C PRO A 229 -18.89 -18.05 -1.05
N GLU A 230 -20.12 -18.19 -0.58
CA GLU A 230 -21.20 -17.22 -0.79
C GLU A 230 -20.85 -15.79 -0.38
N GLU A 231 -19.91 -15.63 0.55
CA GLU A 231 -19.56 -14.28 1.07
C GLU A 231 -18.68 -13.58 0.04
N VAL A 232 -17.91 -14.37 -0.71
CA VAL A 232 -17.12 -13.84 -1.82
C VAL A 232 -17.96 -13.58 -3.06
N ALA A 233 -18.90 -14.49 -3.35
CA ALA A 233 -19.84 -14.33 -4.45
C ALA A 233 -20.67 -13.08 -4.26
N ALA A 234 -21.00 -12.73 -3.01
CA ALA A 234 -21.72 -11.48 -2.74
C ALA A 234 -20.90 -10.28 -3.19
N VAL A 235 -19.58 -10.30 -2.95
CA VAL A 235 -18.71 -9.24 -3.41
C VAL A 235 -18.69 -9.17 -4.95
N ALA A 236 -18.64 -10.33 -5.61
CA ALA A 236 -18.61 -10.37 -7.07
C ALA A 236 -19.89 -9.79 -7.65
N ALA A 237 -21.02 -10.13 -7.07
CA ALA A 237 -22.30 -9.59 -7.52
C ALA A 237 -22.31 -8.07 -7.36
N PHE A 238 -21.83 -7.58 -6.21
CA PHE A 238 -21.73 -6.13 -6.02
C PHE A 238 -20.83 -5.45 -7.05
N LEU A 239 -19.63 -6.01 -7.28
CA LEU A 239 -18.69 -5.41 -8.24
C LEU A 239 -19.19 -5.40 -9.68
N ALA A 240 -19.84 -6.51 -10.09
CA ALA A 240 -20.37 -6.65 -11.46
C ALA A 240 -21.53 -5.69 -11.73
N SER A 241 -22.24 -5.32 -10.67
CA SER A 241 -23.48 -4.54 -10.78
C SER A 241 -23.23 -3.03 -10.92
N SER A 242 -24.30 -2.33 -11.28
CA SER A 242 -24.24 -0.89 -11.51
C SER A 242 -24.16 -0.12 -10.18
N GLN A 243 -24.38 -0.81 -9.06
CA GLN A 243 -24.11 -0.22 -7.76
C GLN A 243 -22.65 0.21 -7.59
N ALA A 244 -21.75 -0.53 -8.23
CA ALA A 244 -20.33 -0.23 -8.20
C ALA A 244 -19.93 0.58 -9.43
N SER A 245 -20.86 1.37 -9.97
CA SER A 245 -20.58 2.20 -11.15
C SER A 245 -19.32 3.06 -11.07
N TYR A 246 -18.96 3.56 -9.88
CA TYR A 246 -17.79 4.45 -9.78
C TYR A 246 -16.54 3.69 -9.26
N VAL A 247 -16.67 2.38 -9.12
CA VAL A 247 -15.61 1.56 -8.54
C VAL A 247 -14.86 0.80 -9.63
N THR A 248 -13.57 1.15 -9.80
CA THR A 248 -12.68 0.47 -10.76
C THR A 248 -11.24 0.48 -10.24
N GLY A 249 -10.48 -0.54 -10.60
CA GLY A 249 -9.08 -0.62 -10.23
C GLY A 249 -8.81 -0.97 -8.78
N ILE A 250 -9.83 -1.41 -8.07
CA ILE A 250 -9.65 -1.69 -6.64
C ILE A 250 -9.38 -3.19 -6.41
N THR A 251 -8.89 -3.49 -5.21
CA THR A 251 -8.96 -4.86 -4.69
C THR A 251 -9.83 -4.80 -3.46
N LEU A 252 -10.92 -5.55 -3.50
CA LEU A 252 -11.84 -5.54 -2.44
C LEU A 252 -11.53 -6.78 -1.61
N PHE A 253 -10.81 -6.59 -0.53
CA PHE A 253 -10.48 -7.71 0.37
C PHE A 253 -11.74 -8.16 1.09
N ALA A 254 -11.98 -9.47 1.06
CA ALA A 254 -13.04 -10.08 1.85
C ALA A 254 -12.37 -11.19 2.65
N ASP A 255 -11.84 -10.86 3.82
CA ASP A 255 -10.83 -11.72 4.46
C ASP A 255 -10.98 -11.91 5.96
N GLY A 256 -12.05 -11.35 6.52
CA GLY A 256 -12.32 -11.33 7.94
C GLY A 256 -11.21 -10.68 8.75
N GLY A 257 -10.41 -9.83 8.10
CA GLY A 257 -9.37 -9.06 8.79
C GLY A 257 -7.94 -9.52 8.64
N MET A 258 -7.73 -10.57 7.83
CA MET A 258 -6.41 -11.14 7.61
C MET A 258 -5.32 -10.13 7.19
N THR A 259 -5.64 -9.23 6.25
CA THR A 259 -4.65 -8.23 5.81
C THR A 259 -4.31 -7.20 6.89
N LYS A 260 -5.05 -7.23 8.00
CA LYS A 260 -4.79 -6.33 9.12
C LYS A 260 -3.68 -6.80 10.10
N TYR A 261 -3.00 -7.92 9.80
CA TYR A 261 -1.87 -8.45 10.60
C TYR A 261 -2.34 -9.18 11.88
N PRO A 262 -2.79 -10.44 11.72
CA PRO A 262 -3.41 -11.07 12.89
C PRO A 262 -2.54 -11.17 14.15
N SER A 263 -1.22 -11.18 13.99
CA SER A 263 -0.35 -11.34 15.16
C SER A 263 -0.32 -10.09 16.05
N PHE A 264 -0.85 -8.97 15.55
CA PHE A 264 -0.85 -7.72 16.34
C PHE A 264 -2.11 -7.47 17.18
N GLN A 265 -2.99 -8.45 17.23
CA GLN A 265 -4.13 -8.42 18.15
C GLN A 265 -3.67 -8.38 19.61
N PHE A 266 -4.47 -7.70 20.44
CA PHE A 266 -4.30 -7.60 21.89
C PHE A 266 -3.16 -6.66 22.31
N GLY A 267 -2.63 -5.88 21.37
CA GLY A 267 -1.52 -4.97 21.67
C GLY A 267 -0.18 -5.68 21.82
N ARG A 268 -0.06 -6.85 21.19
CA ARG A 268 1.22 -7.56 21.04
C ARG A 268 2.16 -6.74 20.18
N GLY A 269 3.45 -7.03 20.30
CA GLY A 269 4.44 -6.38 19.45
C GLY A 269 5.26 -5.29 20.12
N HIS B 3 46.19 -2.55 -3.25
CA HIS B 3 46.30 -1.12 -2.82
C HIS B 3 44.99 -0.56 -2.28
N HIS B 4 45.07 0.26 -1.24
CA HIS B 4 43.91 0.94 -0.69
C HIS B 4 44.20 2.44 -0.52
N HIS B 5 44.51 3.09 -1.63
CA HIS B 5 45.04 4.47 -1.60
C HIS B 5 44.00 5.59 -1.53
N HIS B 6 42.72 5.23 -1.56
CA HIS B 6 41.63 6.21 -1.47
C HIS B 6 40.51 5.68 -0.58
N HIS B 7 39.85 6.59 0.13
CA HIS B 7 38.71 6.24 0.97
C HIS B 7 37.51 5.81 0.14
N HIS B 8 36.76 4.88 0.69
CA HIS B 8 35.41 4.61 0.20
C HIS B 8 34.40 4.51 1.34
N MET B 9 33.13 4.60 0.98
CA MET B 9 32.05 4.80 1.94
C MET B 9 31.75 3.56 2.79
N TYR B 10 31.62 2.41 2.14
CA TYR B 10 31.20 1.18 2.81
C TYR B 10 32.36 0.20 2.92
N THR B 11 33.04 0.21 4.06
CA THR B 11 34.20 -0.67 4.25
C THR B 11 33.86 -2.15 4.23
N ASP B 12 32.63 -2.50 4.64
CA ASP B 12 32.20 -3.89 4.77
C ASP B 12 31.91 -4.53 3.40
N LEU B 13 31.94 -3.72 2.35
CA LEU B 13 31.67 -4.22 1.00
C LEU B 13 32.94 -4.69 0.30
N LYS B 14 34.09 -4.30 0.86
CA LYS B 14 35.40 -4.72 0.36
C LYS B 14 35.47 -6.23 0.18
N ASP B 15 35.88 -6.66 -1.02
CA ASP B 15 36.04 -8.09 -1.36
C ASP B 15 34.76 -8.95 -1.34
N LYS B 16 33.59 -8.30 -1.25
CA LYS B 16 32.32 -8.99 -1.34
C LYS B 16 32.07 -9.39 -2.78
N VAL B 17 31.50 -10.57 -2.99
CA VAL B 17 31.18 -11.03 -4.34
C VAL B 17 29.76 -10.64 -4.71
N VAL B 18 29.67 -9.82 -5.76
CA VAL B 18 28.43 -9.19 -6.20
C VAL B 18 28.14 -9.50 -7.67
N VAL B 19 27.08 -10.26 -7.90
CA VAL B 19 26.64 -10.66 -9.23
C VAL B 19 25.56 -9.68 -9.71
N ILE B 20 25.74 -9.14 -10.91
CA ILE B 20 24.76 -8.19 -11.48
C ILE B 20 24.30 -8.63 -12.87
N THR B 21 23.02 -9.01 -12.99
CA THR B 21 22.48 -9.31 -14.30
C THR B 21 22.20 -7.98 -14.98
N GLY B 22 22.32 -7.97 -16.31
CA GLY B 22 22.30 -6.71 -17.07
C GLY B 22 23.35 -5.74 -16.56
N GLY B 23 24.47 -6.27 -16.05
CA GLY B 23 25.51 -5.45 -15.43
C GLY B 23 26.34 -4.58 -16.39
N SER B 24 26.08 -4.67 -17.68
CA SER B 24 26.98 -4.01 -18.65
C SER B 24 26.45 -2.69 -19.22
N THR B 25 25.20 -2.36 -18.90
CA THR B 25 24.57 -1.12 -19.36
C THR B 25 23.75 -0.47 -18.24
N GLY B 26 23.39 0.80 -18.45
CA GLY B 26 22.38 1.48 -17.66
C GLY B 26 22.58 1.38 -16.16
N LEU B 27 21.53 0.90 -15.46
CA LEU B 27 21.57 0.77 -14.00
C LEU B 27 22.52 -0.32 -13.52
N GLY B 28 22.54 -1.46 -14.22
CA GLY B 28 23.48 -2.54 -13.93
C GLY B 28 24.93 -2.08 -13.96
N ARG B 29 25.28 -1.31 -15.00
CA ARG B 29 26.64 -0.80 -15.14
C ARG B 29 27.00 0.19 -14.02
N ALA B 30 26.06 1.06 -13.64
CA ALA B 30 26.30 2.04 -12.59
C ALA B 30 26.51 1.35 -11.26
N MET B 31 25.75 0.28 -11.03
CA MET B 31 25.90 -0.53 -9.82
C MET B 31 27.24 -1.25 -9.85
N ALA B 32 27.61 -1.83 -11.00
CA ALA B 32 28.89 -2.56 -11.14
C ALA B 32 30.03 -1.65 -10.75
N VAL B 33 30.03 -0.45 -11.32
CA VAL B 33 31.05 0.55 -11.05
C VAL B 33 31.06 0.97 -9.58
N ARG B 34 29.88 1.23 -9.02
CA ARG B 34 29.82 1.71 -7.64
C ARG B 34 30.35 0.64 -6.69
N PHE B 35 30.01 -0.61 -6.96
CA PHE B 35 30.54 -1.70 -6.17
C PHE B 35 32.06 -1.84 -6.35
N GLY B 36 32.56 -1.47 -7.52
CA GLY B 36 34.00 -1.41 -7.79
C GLY B 36 34.63 -0.32 -6.95
N GLN B 37 33.96 0.83 -6.85
CA GLN B 37 34.43 1.93 -6.00
C GLN B 37 34.50 1.47 -4.54
N GLU B 38 33.69 0.47 -4.18
CA GLU B 38 33.69 -0.09 -2.83
C GLU B 38 34.64 -1.26 -2.67
N GLU B 39 35.44 -1.53 -3.71
CA GLU B 39 36.46 -2.59 -3.72
C GLU B 39 35.85 -3.99 -3.64
N ALA B 40 34.66 -4.12 -4.23
CA ALA B 40 33.98 -5.41 -4.33
C ALA B 40 34.46 -6.19 -5.54
N LYS B 41 34.13 -7.49 -5.56
CA LYS B 41 34.36 -8.35 -6.71
C LYS B 41 33.05 -8.51 -7.49
N VAL B 42 33.02 -7.92 -8.68
CA VAL B 42 31.81 -7.79 -9.48
C VAL B 42 31.76 -8.83 -10.62
N VAL B 43 30.70 -9.63 -10.65
CA VAL B 43 30.42 -10.54 -11.78
C VAL B 43 29.41 -9.85 -12.68
N ILE B 44 29.89 -9.36 -13.83
CA ILE B 44 29.04 -8.66 -14.79
C ILE B 44 28.40 -9.64 -15.78
N ASN B 45 27.11 -9.92 -15.56
CA ASN B 45 26.35 -10.71 -16.51
C ASN B 45 25.89 -9.79 -17.63
N TYR B 46 25.91 -10.31 -18.86
CA TYR B 46 25.52 -9.54 -20.05
C TYR B 46 24.85 -10.47 -21.07
N TYR B 47 23.94 -9.91 -21.86
CA TYR B 47 23.18 -10.70 -22.83
C TYR B 47 23.99 -11.06 -24.11
N ASN B 48 24.34 -10.07 -24.93
CA ASN B 48 25.10 -10.40 -26.15
C ASN B 48 26.21 -9.46 -26.60
N ASN B 49 26.27 -8.25 -26.05
CA ASN B 49 27.29 -7.30 -26.47
C ASN B 49 28.54 -7.42 -25.60
N GLU B 50 29.45 -8.32 -26.03
CA GLU B 50 30.66 -8.66 -25.29
C GLU B 50 31.59 -7.48 -25.09
N GLU B 51 31.73 -6.64 -26.12
CA GLU B 51 32.67 -5.52 -26.09
C GLU B 51 32.26 -4.50 -25.01
N GLU B 52 30.96 -4.22 -24.95
CA GLU B 52 30.37 -3.32 -23.97
C GLU B 52 30.61 -3.85 -22.56
N ALA B 53 30.43 -5.16 -22.39
CA ALA B 53 30.68 -5.80 -21.10
C ALA B 53 32.15 -5.64 -20.69
N LEU B 54 33.07 -5.88 -21.63
CA LEU B 54 34.50 -5.71 -21.37
C LEU B 54 34.85 -4.27 -20.96
N ASP B 55 34.23 -3.29 -21.61
CA ASP B 55 34.35 -1.88 -21.20
C ASP B 55 33.92 -1.65 -19.75
N ALA B 56 32.74 -2.16 -19.40
CA ALA B 56 32.21 -2.13 -18.03
C ALA B 56 33.18 -2.78 -17.05
N LYS B 57 33.74 -3.92 -17.46
CA LYS B 57 34.77 -4.61 -16.70
C LYS B 57 35.96 -3.68 -16.41
N LYS B 58 36.43 -3.01 -17.45
CA LYS B 58 37.52 -2.03 -17.33
C LYS B 58 37.19 -0.88 -16.34
N GLU B 59 35.97 -0.34 -16.44
CA GLU B 59 35.55 0.76 -15.55
C GLU B 59 35.58 0.34 -14.09
N VAL B 60 35.07 -0.86 -13.83
CA VAL B 60 35.04 -1.43 -12.47
C VAL B 60 36.46 -1.52 -11.91
N GLU B 61 37.36 -2.10 -12.69
CA GLU B 61 38.77 -2.21 -12.33
C GLU B 61 39.40 -0.84 -12.07
N GLU B 62 39.12 0.12 -12.94
CA GLU B 62 39.66 1.47 -12.80
C GLU B 62 39.15 2.19 -11.56
N ALA B 63 37.91 1.88 -11.16
CA ALA B 63 37.31 2.51 -9.99
C ALA B 63 37.78 1.86 -8.68
N GLY B 64 38.40 0.68 -8.78
CA GLY B 64 39.03 0.04 -7.62
C GLY B 64 38.55 -1.37 -7.30
N GLY B 65 37.83 -1.99 -8.23
CA GLY B 65 37.32 -3.33 -8.00
C GLY B 65 37.89 -4.39 -8.92
N GLN B 66 37.42 -5.61 -8.74
CA GLN B 66 37.76 -6.75 -9.57
C GLN B 66 36.48 -7.09 -10.33
N ALA B 67 36.64 -7.50 -11.59
CA ALA B 67 35.48 -7.87 -12.40
C ALA B 67 35.79 -9.01 -13.38
N ILE B 68 34.79 -9.86 -13.59
CA ILE B 68 34.77 -10.79 -14.71
C ILE B 68 33.45 -10.61 -15.44
N ILE B 69 33.38 -11.14 -16.65
CA ILE B 69 32.15 -11.07 -17.44
C ILE B 69 31.63 -12.48 -17.75
N VAL B 70 30.34 -12.68 -17.55
CA VAL B 70 29.73 -13.96 -17.82
C VAL B 70 28.49 -13.75 -18.70
N GLN B 71 28.53 -14.30 -19.91
CA GLN B 71 27.37 -14.27 -20.80
C GLN B 71 26.26 -15.12 -20.22
N GLY B 72 25.03 -14.62 -20.35
CA GLY B 72 23.86 -15.36 -19.88
C GLY B 72 22.55 -14.69 -20.21
N ASP B 73 21.61 -15.51 -20.67
CA ASP B 73 20.23 -15.11 -20.90
C ASP B 73 19.43 -15.49 -19.65
N VAL B 74 18.88 -14.50 -18.94
CA VAL B 74 18.19 -14.76 -17.64
C VAL B 74 16.89 -15.55 -17.74
N THR B 75 16.37 -15.72 -18.96
CA THR B 75 15.22 -16.61 -19.20
C THR B 75 15.62 -18.08 -19.25
N LYS B 76 16.91 -18.35 -19.40
CA LYS B 76 17.42 -19.73 -19.46
C LYS B 76 17.87 -20.27 -18.11
N GLU B 77 17.15 -21.26 -17.57
CA GLU B 77 17.50 -21.81 -16.26
C GLU B 77 19.00 -22.13 -16.14
N GLU B 78 19.50 -22.99 -17.04
CA GLU B 78 20.94 -23.34 -17.07
C GLU B 78 21.90 -22.13 -17.10
N ASP B 79 21.56 -21.08 -17.85
CA ASP B 79 22.40 -19.86 -17.88
C ASP B 79 22.45 -19.14 -16.53
N VAL B 80 21.34 -19.16 -15.79
CA VAL B 80 21.30 -18.53 -14.47
C VAL B 80 22.07 -19.39 -13.47
N VAL B 81 21.86 -20.70 -13.54
CA VAL B 81 22.65 -21.64 -12.74
C VAL B 81 24.16 -21.46 -12.99
N ASN B 82 24.53 -21.37 -14.27
CA ASN B 82 25.93 -21.16 -14.67
C ASN B 82 26.54 -19.89 -14.08
N LEU B 83 25.76 -18.81 -14.10
CA LEU B 83 26.22 -17.52 -13.59
C LEU B 83 26.62 -17.62 -12.12
N VAL B 84 25.74 -18.14 -11.29
CA VAL B 84 26.04 -18.24 -9.87
C VAL B 84 27.27 -19.15 -9.64
N GLN B 85 27.30 -20.29 -10.34
CA GLN B 85 28.41 -21.26 -10.23
C GLN B 85 29.75 -20.66 -10.68
N THR B 86 29.72 -19.84 -11.73
CA THR B 86 30.91 -19.11 -12.19
C THR B 86 31.37 -18.05 -11.19
N ALA B 87 30.42 -17.31 -10.59
CA ALA B 87 30.79 -16.38 -9.53
C ALA B 87 31.48 -17.15 -8.41
N ILE B 88 30.87 -18.26 -7.98
CA ILE B 88 31.44 -19.04 -6.89
C ILE B 88 32.80 -19.64 -7.28
N LYS B 89 32.92 -20.21 -8.47
CA LYS B 89 34.20 -20.77 -8.93
C LYS B 89 35.33 -19.72 -9.03
N GLU B 90 35.05 -18.58 -9.66
CA GLU B 90 36.06 -17.57 -9.90
C GLU B 90 36.50 -16.81 -8.64
N PHE B 91 35.55 -16.53 -7.74
CA PHE B 91 35.84 -15.69 -6.59
C PHE B 91 35.79 -16.43 -5.27
N GLY B 92 35.33 -17.68 -5.31
CA GLY B 92 35.34 -18.53 -4.11
C GLY B 92 34.05 -18.52 -3.31
N THR B 93 33.20 -17.53 -3.58
CA THR B 93 31.94 -17.38 -2.87
C THR B 93 30.97 -16.43 -3.60
N LEU B 94 29.80 -16.23 -2.98
CA LEU B 94 28.81 -15.28 -3.44
C LEU B 94 28.25 -14.56 -2.24
N ASP B 95 28.16 -13.23 -2.33
CA ASP B 95 27.69 -12.42 -1.20
C ASP B 95 26.41 -11.64 -1.49
N VAL B 96 26.35 -11.03 -2.67
CA VAL B 96 25.24 -10.15 -3.06
C VAL B 96 24.75 -10.58 -4.45
N MET B 97 23.47 -10.91 -4.57
CA MET B 97 22.88 -11.21 -5.87
C MET B 97 21.94 -10.08 -6.32
N ILE B 98 22.23 -9.51 -7.49
CA ILE B 98 21.45 -8.39 -7.99
C ILE B 98 20.79 -8.79 -9.29
N ASN B 99 19.48 -9.03 -9.21
CA ASN B 99 18.70 -9.31 -10.41
C ASN B 99 18.18 -8.00 -11.03
N ASN B 100 18.87 -7.55 -12.07
CA ASN B 100 18.64 -6.23 -12.66
C ASN B 100 18.15 -6.26 -14.10
N ALA B 101 18.49 -7.31 -14.86
CA ALA B 101 17.99 -7.43 -16.24
C ALA B 101 16.48 -7.22 -16.34
N GLY B 102 16.08 -6.39 -17.32
CA GLY B 102 14.68 -6.20 -17.61
C GLY B 102 14.46 -5.58 -18.99
N VAL B 103 13.26 -5.83 -19.52
CA VAL B 103 12.83 -5.35 -20.84
C VAL B 103 11.41 -4.77 -20.77
N GLU B 104 11.10 -3.89 -21.73
CA GLU B 104 9.75 -3.33 -21.88
C GLU B 104 9.50 -2.92 -23.35
N ASN B 105 8.22 -2.78 -23.71
CA ASN B 105 7.79 -2.20 -25.00
C ASN B 105 6.32 -1.82 -24.91
N PRO B 106 5.92 -0.68 -25.54
CA PRO B 106 4.52 -0.24 -25.47
C PRO B 106 3.57 -0.97 -26.41
N VAL B 107 2.51 -1.57 -25.86
CA VAL B 107 1.45 -2.19 -26.67
C VAL B 107 0.11 -1.97 -25.99
N PRO B 108 -0.88 -1.41 -26.72
CA PRO B 108 -2.27 -1.37 -26.20
C PRO B 108 -2.66 -2.75 -25.67
N SER B 109 -3.17 -2.82 -24.45
CA SER B 109 -3.31 -4.13 -23.78
C SER B 109 -4.20 -5.17 -24.48
N HIS B 110 -5.36 -4.75 -24.99
CA HIS B 110 -6.21 -5.64 -25.76
C HIS B 110 -5.56 -6.11 -27.07
N GLU B 111 -4.43 -5.51 -27.43
CA GLU B 111 -3.65 -5.93 -28.60
C GLU B 111 -2.40 -6.75 -28.28
N LEU B 112 -2.13 -7.01 -27.00
CA LEU B 112 -0.83 -7.54 -26.64
C LEU B 112 -0.79 -9.05 -26.76
N SER B 113 0.18 -9.55 -27.51
CA SER B 113 0.32 -10.97 -27.81
C SER B 113 0.83 -11.76 -26.60
N LEU B 114 0.43 -13.04 -26.53
CA LEU B 114 0.94 -13.92 -25.51
C LEU B 114 2.47 -13.95 -25.53
N ASP B 115 3.06 -14.09 -26.73
CA ASP B 115 4.51 -14.13 -26.89
C ASP B 115 5.19 -12.91 -26.26
N ASN B 116 4.64 -11.74 -26.53
CA ASN B 116 5.20 -10.50 -26.03
C ASN B 116 5.00 -10.38 -24.49
N TRP B 117 3.81 -10.74 -24.01
CA TRP B 117 3.54 -10.83 -22.58
C TRP B 117 4.57 -11.76 -21.89
N ASN B 118 4.75 -12.96 -22.46
CA ASN B 118 5.68 -13.95 -21.88
C ASN B 118 7.15 -13.53 -21.88
N LYS B 119 7.58 -12.82 -22.94
CA LYS B 119 8.96 -12.33 -22.99
C LYS B 119 9.23 -11.37 -21.81
N VAL B 120 8.31 -10.47 -21.57
CA VAL B 120 8.48 -9.49 -20.50
C VAL B 120 8.39 -10.17 -19.13
N ILE B 121 7.37 -11.00 -18.92
CA ILE B 121 7.22 -11.74 -17.67
C ILE B 121 8.44 -12.63 -17.42
N ASP B 122 8.86 -13.39 -18.44
CA ASP B 122 9.97 -14.34 -18.28
C ASP B 122 11.28 -13.64 -17.96
N THR B 123 11.51 -12.51 -18.63
CA THR B 123 12.74 -11.77 -18.41
C THR B 123 12.74 -11.11 -17.03
N ASN B 124 11.69 -10.34 -16.76
CA ASN B 124 11.67 -9.42 -15.63
C ASN B 124 11.37 -10.10 -14.30
N LEU B 125 10.39 -11.01 -14.29
CA LEU B 125 9.92 -11.67 -13.06
C LEU B 125 10.59 -13.02 -12.88
N THR B 126 10.33 -13.94 -13.80
CA THR B 126 10.94 -15.29 -13.77
C THR B 126 12.46 -15.26 -13.71
N GLY B 127 13.10 -14.44 -14.54
CA GLY B 127 14.54 -14.27 -14.46
C GLY B 127 15.00 -13.89 -13.06
N ALA B 128 14.30 -12.93 -12.44
CA ALA B 128 14.64 -12.50 -11.10
C ALA B 128 14.40 -13.62 -10.08
N PHE B 129 13.35 -14.43 -10.27
CA PHE B 129 13.10 -15.60 -9.42
C PHE B 129 14.27 -16.60 -9.44
N LEU B 130 14.68 -17.01 -10.64
CA LEU B 130 15.78 -17.98 -10.82
C LEU B 130 17.06 -17.50 -10.17
N GLY B 131 17.39 -16.24 -10.40
CA GLY B 131 18.54 -15.60 -9.76
C GLY B 131 18.45 -15.63 -8.25
N SER B 132 17.30 -15.19 -7.72
CA SER B 132 17.11 -15.17 -6.28
C SER B 132 17.16 -16.60 -5.73
N ARG B 133 16.54 -17.54 -6.43
CA ARG B 133 16.55 -18.95 -6.01
C ARG B 133 17.97 -19.52 -5.92
N GLU B 134 18.75 -19.35 -6.97
CA GLU B 134 20.12 -19.86 -7.01
C GLU B 134 21.03 -19.25 -5.94
N ALA B 135 20.94 -17.93 -5.74
CA ALA B 135 21.73 -17.28 -4.69
C ALA B 135 21.33 -17.78 -3.31
N ILE B 136 20.03 -17.85 -3.06
CA ILE B 136 19.52 -18.25 -1.76
C ILE B 136 19.84 -19.72 -1.46
N LYS B 137 19.73 -20.58 -2.47
CA LYS B 137 20.15 -21.99 -2.36
C LYS B 137 21.58 -22.08 -1.84
N TYR B 138 22.50 -21.38 -2.49
CA TYR B 138 23.88 -21.32 -2.05
C TYR B 138 24.03 -20.77 -0.62
N PHE B 139 23.38 -19.64 -0.35
CA PHE B 139 23.46 -18.99 0.96
C PHE B 139 23.04 -19.97 2.07
N VAL B 140 21.93 -20.68 1.83
CA VAL B 140 21.37 -21.63 2.80
C VAL B 140 22.29 -22.84 3.02
N GLU B 141 22.80 -23.42 1.94
CA GLU B 141 23.66 -24.60 2.03
C GLU B 141 24.97 -24.31 2.78
N ASN B 142 25.45 -23.09 2.68
CA ASN B 142 26.75 -22.70 3.24
C ASN B 142 26.69 -21.74 4.46
N ASP B 143 25.50 -21.60 5.04
CA ASP B 143 25.27 -20.73 6.20
C ASP B 143 25.81 -19.30 6.03
N ILE B 144 25.61 -18.74 4.84
CA ILE B 144 26.04 -17.38 4.56
C ILE B 144 24.85 -16.43 4.74
N LYS B 145 25.10 -15.33 5.46
CA LYS B 145 24.11 -14.27 5.63
C LYS B 145 24.17 -13.34 4.40
N GLY B 146 23.76 -13.89 3.26
CA GLY B 146 23.82 -13.19 1.99
C GLY B 146 22.73 -12.17 1.79
N ASN B 147 22.75 -11.55 0.61
CA ASN B 147 21.95 -10.39 0.33
C ASN B 147 21.42 -10.51 -1.11
N VAL B 148 20.14 -10.25 -1.30
CA VAL B 148 19.54 -10.18 -2.63
C VAL B 148 18.92 -8.81 -2.88
N ILE B 149 19.26 -8.21 -4.02
CA ILE B 149 18.64 -6.97 -4.47
C ILE B 149 17.98 -7.24 -5.83
N ASN B 150 16.66 -7.07 -5.89
CA ASN B 150 15.94 -7.21 -7.16
C ASN B 150 15.60 -5.81 -7.67
N MET B 151 15.83 -5.55 -8.96
CA MET B 151 15.53 -4.21 -9.53
C MET B 151 14.10 -4.18 -9.97
N SER B 152 13.30 -3.44 -9.23
CA SER B 152 11.89 -3.35 -9.51
C SER B 152 11.69 -2.04 -10.25
N SER B 153 10.67 -1.28 -9.86
CA SER B 153 10.33 -0.05 -10.53
C SER B 153 9.23 0.62 -9.75
N VAL B 154 9.05 1.93 -9.96
CA VAL B 154 7.85 2.60 -9.48
C VAL B 154 6.61 1.87 -9.93
N HIS B 155 6.73 1.09 -11.01
CA HIS B 155 5.59 0.36 -11.56
C HIS B 155 5.25 -0.98 -10.86
N GLU B 156 5.86 -1.21 -9.71
CA GLU B 156 5.30 -2.19 -8.78
C GLU B 156 4.17 -1.52 -7.96
N MET B 157 4.02 -0.20 -8.11
CA MET B 157 2.96 0.54 -7.41
C MET B 157 2.13 1.39 -8.39
N ILE B 158 2.82 2.02 -9.34
CA ILE B 158 2.17 2.85 -10.36
C ILE B 158 1.73 1.98 -11.55
N PRO B 159 0.41 1.83 -11.75
CA PRO B 159 -0.09 1.10 -12.93
C PRO B 159 0.39 1.77 -14.23
N TRP B 160 0.49 1.01 -15.33
CA TRP B 160 1.14 1.52 -16.54
C TRP B 160 0.49 1.03 -17.84
N PRO B 161 -0.58 1.71 -18.27
CA PRO B 161 -1.28 1.36 -19.50
C PRO B 161 -0.27 1.31 -20.63
N LEU B 162 -0.50 0.40 -21.57
CA LEU B 162 0.42 0.06 -22.65
C LEU B 162 1.61 -0.79 -22.22
N PHE B 163 1.83 -0.90 -20.90
CA PHE B 163 2.92 -1.71 -20.37
C PHE B 163 2.38 -2.64 -19.28
N VAL B 164 1.25 -3.29 -19.57
CA VAL B 164 0.58 -4.13 -18.58
C VAL B 164 1.45 -5.34 -18.20
N HIS B 165 2.22 -5.82 -19.17
CA HIS B 165 3.14 -6.94 -18.91
C HIS B 165 4.28 -6.54 -17.98
N TYR B 166 4.85 -5.36 -18.24
CA TYR B 166 5.89 -4.78 -17.40
C TYR B 166 5.38 -4.52 -16.00
N ALA B 167 4.22 -3.90 -15.89
CA ALA B 167 3.65 -3.62 -14.58
C ALA B 167 3.38 -4.92 -13.79
N ALA B 168 2.79 -5.91 -14.44
CA ALA B 168 2.54 -7.22 -13.78
C ALA B 168 3.82 -7.86 -13.29
N SER B 169 4.84 -7.83 -14.16
CA SER B 169 6.14 -8.38 -13.83
C SER B 169 6.73 -7.72 -12.59
N LYS B 170 6.53 -6.40 -12.44
CA LYS B 170 7.08 -5.68 -11.28
C LYS B 170 6.23 -5.84 -10.01
N GLY B 171 4.91 -5.85 -10.15
CA GLY B 171 4.04 -6.17 -9.05
C GLY B 171 4.31 -7.59 -8.56
N GLY B 172 4.58 -8.49 -9.50
CA GLY B 172 4.93 -9.87 -9.15
C GLY B 172 6.24 -9.91 -8.39
N MET B 173 7.21 -9.13 -8.86
CA MET B 173 8.50 -9.01 -8.19
C MET B 173 8.38 -8.53 -6.74
N LYS B 174 7.46 -7.59 -6.51
CA LYS B 174 7.24 -7.06 -5.18
C LYS B 174 6.94 -8.23 -4.20
N LEU B 175 5.93 -9.01 -4.52
CA LEU B 175 5.46 -10.11 -3.67
C LEU B 175 6.42 -11.30 -3.60
N MET B 176 7.17 -11.53 -4.68
CA MET B 176 8.25 -12.51 -4.68
C MET B 176 9.34 -12.09 -3.69
N THR B 177 9.85 -10.86 -3.85
CA THR B 177 10.84 -10.29 -2.94
C THR B 177 10.37 -10.27 -1.48
N GLU B 178 9.12 -9.89 -1.24
CA GLU B 178 8.62 -9.79 0.11
C GLU B 178 8.46 -11.17 0.76
N THR B 179 8.00 -12.13 -0.04
CA THR B 179 7.90 -13.53 0.37
C THR B 179 9.27 -14.13 0.74
N LEU B 180 10.23 -14.04 -0.18
CA LEU B 180 11.60 -14.50 0.08
C LEU B 180 12.24 -13.84 1.31
N ALA B 181 11.96 -12.56 1.50
CA ALA B 181 12.49 -11.84 2.64
C ALA B 181 11.91 -12.40 3.93
N LEU B 182 10.62 -12.70 3.92
CA LEU B 182 9.97 -13.27 5.10
C LEU B 182 10.49 -14.70 5.33
N GLU B 183 10.59 -15.47 4.25
CA GLU B 183 10.99 -16.87 4.30
C GLU B 183 12.40 -17.10 4.84
N TYR B 184 13.34 -16.22 4.45
CA TYR B 184 14.76 -16.41 4.79
C TYR B 184 15.31 -15.39 5.78
N ALA B 185 14.43 -14.55 6.35
CA ALA B 185 14.89 -13.61 7.37
C ALA B 185 15.53 -14.31 8.59
N PRO B 186 14.97 -15.46 9.05
CA PRO B 186 15.53 -16.14 10.25
C PRO B 186 16.95 -16.68 10.03
N LYS B 187 17.36 -16.81 8.78
CA LYS B 187 18.74 -17.19 8.44
C LYS B 187 19.59 -15.96 8.19
N GLY B 188 18.99 -14.78 8.31
CA GLY B 188 19.75 -13.55 8.12
C GLY B 188 20.09 -13.27 6.68
N ILE B 189 19.33 -13.85 5.75
CA ILE B 189 19.44 -13.50 4.35
C ILE B 189 18.45 -12.36 4.10
N ARG B 190 18.95 -11.23 3.64
CA ARG B 190 18.11 -10.07 3.39
C ARG B 190 17.75 -9.95 1.91
N VAL B 191 16.48 -9.65 1.64
CA VAL B 191 15.98 -9.53 0.28
C VAL B 191 15.20 -8.21 0.12
N ASN B 192 15.63 -7.36 -0.80
CA ASN B 192 15.00 -6.05 -1.01
C ASN B 192 14.86 -5.68 -2.48
N ASN B 193 13.85 -4.85 -2.80
CA ASN B 193 13.71 -4.23 -4.12
C ASN B 193 14.20 -2.81 -4.13
N ILE B 194 14.66 -2.36 -5.29
CA ILE B 194 14.82 -0.92 -5.56
C ILE B 194 13.74 -0.50 -6.55
N GLY B 195 13.09 0.63 -6.28
CA GLY B 195 12.02 1.11 -7.16
C GLY B 195 12.40 2.39 -7.90
N PRO B 196 13.23 2.29 -8.95
CA PRO B 196 13.62 3.56 -9.59
C PRO B 196 12.47 4.22 -10.36
N GLY B 197 12.49 5.55 -10.43
CA GLY B 197 11.61 6.31 -11.33
C GLY B 197 12.31 6.42 -12.68
N ALA B 198 11.99 7.46 -13.45
CA ALA B 198 12.55 7.58 -14.79
C ALA B 198 14.04 7.88 -14.69
N MET B 199 14.84 7.02 -15.31
CA MET B 199 16.31 7.10 -15.19
C MET B 199 16.96 7.25 -16.57
N ASN B 200 18.10 7.93 -16.64
CA ASN B 200 18.78 8.14 -17.91
C ASN B 200 19.61 6.92 -18.32
N THR B 201 18.96 5.97 -18.98
CA THR B 201 19.60 4.73 -19.38
C THR B 201 19.15 4.36 -20.79
N PRO B 202 19.78 3.33 -21.40
CA PRO B 202 19.36 2.86 -22.73
C PRO B 202 17.92 2.38 -22.84
N ILE B 203 17.27 2.03 -21.72
CA ILE B 203 15.86 1.61 -21.83
C ILE B 203 14.96 2.79 -22.27
N ASN B 204 15.37 4.01 -21.94
CA ASN B 204 14.60 5.19 -22.26
C ASN B 204 15.25 6.03 -23.37
N ALA B 205 16.21 5.47 -24.09
CA ALA B 205 17.04 6.25 -25.02
C ALA B 205 16.23 6.85 -26.18
N GLU B 206 15.50 6.01 -26.90
CA GLU B 206 14.64 6.49 -27.99
C GLU B 206 13.65 7.53 -27.45
N LYS B 207 12.95 7.18 -26.37
CA LYS B 207 12.02 8.12 -25.71
C LYS B 207 12.66 9.48 -25.34
N PHE B 208 13.84 9.47 -24.72
CA PHE B 208 14.44 10.74 -24.30
C PHE B 208 15.06 11.58 -25.44
N ALA B 209 15.40 10.94 -26.57
CA ALA B 209 15.92 11.65 -27.77
C ALA B 209 14.82 12.47 -28.46
N ASP B 210 13.59 12.16 -28.13
CA ASP B 210 12.44 12.94 -28.52
C ASP B 210 12.27 14.02 -27.45
N PRO B 211 12.57 15.30 -27.80
CA PRO B 211 12.53 16.38 -26.82
C PRO B 211 11.15 16.61 -26.17
N VAL B 212 10.07 16.32 -26.88
CA VAL B 212 8.74 16.53 -26.26
C VAL B 212 8.38 15.41 -25.25
N GLN B 213 8.69 14.17 -25.57
CA GLN B 213 8.55 13.06 -24.60
C GLN B 213 9.48 13.25 -23.38
N ARG B 214 10.71 13.70 -23.65
CA ARG B 214 11.68 13.97 -22.59
C ARG B 214 11.13 14.97 -21.56
N ALA B 215 10.61 16.10 -22.05
CA ALA B 215 10.02 17.14 -21.20
C ALA B 215 8.72 16.68 -20.53
N ASP B 216 7.98 15.84 -21.24
CA ASP B 216 6.72 15.29 -20.75
C ASP B 216 7.02 14.38 -19.54
N VAL B 217 8.01 13.51 -19.69
CA VAL B 217 8.47 12.66 -18.56
C VAL B 217 8.97 13.52 -17.39
N GLU B 218 9.83 14.50 -17.68
CA GLU B 218 10.30 15.45 -16.66
C GLU B 218 9.17 16.12 -15.90
N SER B 219 8.07 16.40 -16.61
CA SER B 219 6.93 17.09 -16.01
C SER B 219 6.21 16.21 -14.99
N MET B 220 6.47 14.91 -15.07
CA MET B 220 5.87 13.89 -14.19
C MET B 220 6.77 13.55 -12.99
N ILE B 221 7.96 14.13 -12.96
CA ILE B 221 8.88 13.94 -11.86
C ILE B 221 8.88 15.19 -11.00
N PRO B 222 8.30 15.10 -9.79
CA PRO B 222 8.26 16.26 -8.90
C PRO B 222 9.63 16.92 -8.60
N MET B 223 10.70 16.14 -8.46
CA MET B 223 12.03 16.75 -8.26
C MET B 223 12.55 17.49 -9.51
N GLY B 224 11.85 17.30 -10.65
CA GLY B 224 12.13 18.06 -11.89
C GLY B 224 13.24 17.53 -12.78
N TYR B 225 13.80 16.37 -12.46
CA TYR B 225 14.87 15.83 -13.30
C TYR B 225 14.89 14.30 -13.45
N ILE B 226 15.26 13.86 -14.65
CA ILE B 226 15.49 12.46 -14.95
C ILE B 226 16.69 11.99 -14.13
N GLY B 227 16.50 10.93 -13.35
CA GLY B 227 17.53 10.49 -12.42
C GLY B 227 18.82 10.05 -13.11
N LYS B 228 19.95 10.33 -12.46
CA LYS B 228 21.24 9.84 -12.90
C LYS B 228 21.44 8.42 -12.34
N PRO B 229 21.90 7.47 -13.17
CA PRO B 229 22.07 6.06 -12.78
C PRO B 229 22.81 5.81 -11.45
N GLU B 230 23.81 6.63 -11.14
CA GLU B 230 24.57 6.51 -9.89
C GLU B 230 23.73 6.81 -8.64
N GLU B 231 22.59 7.48 -8.83
CA GLU B 231 21.65 7.71 -7.75
C GLU B 231 20.97 6.42 -7.32
N VAL B 232 20.73 5.51 -8.26
CA VAL B 232 20.24 4.17 -7.96
C VAL B 232 21.36 3.29 -7.40
N ALA B 233 22.56 3.40 -7.99
CA ALA B 233 23.74 2.71 -7.49
C ALA B 233 23.99 2.98 -6.00
N ALA B 234 23.83 4.23 -5.62
CA ALA B 234 23.94 4.65 -4.22
C ALA B 234 22.97 3.87 -3.31
N VAL B 235 21.73 3.73 -3.75
CA VAL B 235 20.75 2.93 -2.98
C VAL B 235 21.17 1.47 -2.90
N ALA B 236 21.70 0.93 -4.01
CA ALA B 236 22.13 -0.47 -4.03
C ALA B 236 23.29 -0.71 -3.08
N ALA B 237 24.26 0.20 -3.10
CA ALA B 237 25.40 0.13 -2.16
C ALA B 237 24.89 0.10 -0.72
N PHE B 238 23.97 1.02 -0.40
CA PHE B 238 23.37 1.09 0.92
C PHE B 238 22.69 -0.21 1.30
N LEU B 239 21.75 -0.67 0.47
CA LEU B 239 21.01 -1.90 0.75
C LEU B 239 21.91 -3.13 0.90
N ALA B 240 23.00 -3.18 0.14
CA ALA B 240 23.92 -4.32 0.22
C ALA B 240 24.80 -4.30 1.50
N SER B 241 25.10 -3.12 2.01
CA SER B 241 25.96 -2.99 3.19
C SER B 241 25.28 -3.42 4.52
N SER B 242 26.09 -3.56 5.56
CA SER B 242 25.57 -3.78 6.92
C SER B 242 24.99 -2.51 7.55
N GLN B 243 25.07 -1.38 6.85
CA GLN B 243 24.28 -0.22 7.25
C GLN B 243 22.79 -0.54 7.21
N ALA B 244 22.40 -1.45 6.32
CA ALA B 244 21.00 -1.82 6.17
C ALA B 244 20.71 -3.15 6.87
N SER B 245 21.46 -3.40 7.95
CA SER B 245 21.36 -4.68 8.68
C SER B 245 19.94 -5.07 9.11
N TYR B 246 19.09 -4.09 9.44
CA TYR B 246 17.76 -4.41 9.94
C TYR B 246 16.67 -4.27 8.87
N VAL B 247 17.14 -4.04 7.63
CA VAL B 247 16.27 -3.71 6.52
C VAL B 247 16.11 -4.92 5.60
N THR B 248 14.90 -5.46 5.54
CA THR B 248 14.62 -6.55 4.61
C THR B 248 13.16 -6.53 4.18
N GLY B 249 12.89 -7.01 2.97
CA GLY B 249 11.52 -7.07 2.48
C GLY B 249 10.98 -5.76 1.94
N ILE B 250 11.81 -4.74 1.87
CA ILE B 250 11.29 -3.44 1.49
C ILE B 250 11.44 -3.15 0.00
N THR B 251 10.69 -2.15 -0.47
CA THR B 251 11.00 -1.52 -1.77
C THR B 251 11.44 -0.11 -1.44
N LEU B 252 12.68 0.22 -1.77
CA LEU B 252 13.18 1.56 -1.57
C LEU B 252 13.01 2.31 -2.90
N PHE B 253 12.01 3.17 -2.96
CA PHE B 253 11.75 3.92 -4.19
C PHE B 253 12.76 5.04 -4.28
N ALA B 254 13.45 5.12 -5.41
CA ALA B 254 14.29 6.28 -5.69
C ALA B 254 13.78 6.89 -7.01
N ASP B 255 12.85 7.84 -6.89
CA ASP B 255 11.97 8.18 -8.00
C ASP B 255 11.66 9.67 -8.16
N GLY B 256 12.32 10.51 -7.37
CA GLY B 256 12.14 11.95 -7.46
C GLY B 256 10.73 12.38 -7.09
N GLY B 257 9.98 11.46 -6.50
CA GLY B 257 8.62 11.75 -6.04
C GLY B 257 7.49 11.20 -6.89
N MET B 258 7.84 10.43 -7.92
CA MET B 258 6.87 9.93 -8.90
C MET B 258 5.69 9.18 -8.29
N THR B 259 5.97 8.32 -7.28
CA THR B 259 4.91 7.51 -6.66
C THR B 259 3.99 8.35 -5.76
N LYS B 260 4.37 9.61 -5.54
CA LYS B 260 3.53 10.49 -4.73
C LYS B 260 2.39 11.16 -5.54
N TYR B 261 2.19 10.72 -6.79
CA TYR B 261 1.06 11.15 -7.64
C TYR B 261 1.31 12.58 -8.21
N PRO B 262 2.08 12.66 -9.30
CA PRO B 262 2.55 13.96 -9.81
C PRO B 262 1.44 14.92 -10.23
N SER B 263 0.27 14.39 -10.58
CA SER B 263 -0.83 15.23 -11.01
C SER B 263 -1.47 16.04 -9.87
N PHE B 264 -1.32 15.60 -8.62
CA PHE B 264 -1.90 16.30 -7.46
C PHE B 264 -1.05 17.43 -6.87
N GLN B 265 0.03 17.78 -7.57
CA GLN B 265 0.80 18.98 -7.27
C GLN B 265 -0.05 20.23 -7.39
N PHE B 266 0.35 21.27 -6.64
CA PHE B 266 -0.25 22.60 -6.68
C PHE B 266 -1.68 22.64 -6.12
N GLY B 267 -2.10 21.54 -5.51
CA GLY B 267 -3.45 21.49 -4.91
C GLY B 267 -4.54 21.24 -5.94
N ARG B 268 -4.16 20.63 -7.07
CA ARG B 268 -5.12 20.23 -8.10
C ARG B 268 -6.00 19.07 -7.64
N GLY B 269 -7.15 18.94 -8.30
CA GLY B 269 -8.05 17.80 -8.08
C GLY B 269 -9.17 18.05 -7.10
N HIS C 8 35.22 9.36 8.48
CA HIS C 8 33.77 8.96 8.61
C HIS C 8 33.08 8.76 7.24
N MET C 9 31.95 8.06 7.28
CA MET C 9 31.27 7.50 6.11
C MET C 9 30.68 8.52 5.10
N TYR C 10 29.84 9.43 5.59
CA TYR C 10 29.16 10.42 4.75
C TYR C 10 29.85 11.76 4.91
N THR C 11 30.73 12.07 3.96
CA THR C 11 31.56 13.27 4.04
C THR C 11 30.71 14.53 3.87
N ASP C 12 29.61 14.41 3.13
CA ASP C 12 28.72 15.54 2.86
C ASP C 12 27.94 16.00 4.10
N LEU C 13 27.92 15.16 5.12
CA LEU C 13 27.22 15.46 6.37
C LEU C 13 28.03 16.33 7.35
N LYS C 14 29.34 16.43 7.11
CA LYS C 14 30.22 17.28 7.91
C LYS C 14 29.73 18.72 7.91
N ASP C 15 29.64 19.29 9.11
CA ASP C 15 29.21 20.69 9.34
C ASP C 15 27.72 20.93 9.05
N LYS C 16 26.95 19.89 8.73
CA LYS C 16 25.51 20.06 8.53
C LYS C 16 24.79 20.22 9.88
N VAL C 17 23.84 21.13 9.93
CA VAL C 17 23.07 21.35 11.15
C VAL C 17 21.82 20.46 11.15
N VAL C 18 21.75 19.60 12.18
CA VAL C 18 20.74 18.55 12.29
C VAL C 18 20.01 18.71 13.63
N VAL C 19 18.70 19.01 13.58
CA VAL C 19 17.88 19.16 14.78
C VAL C 19 17.14 17.85 15.03
N ILE C 20 17.16 17.38 16.28
CA ILE C 20 16.52 16.12 16.64
C ILE C 20 15.63 16.25 17.87
N THR C 21 14.32 16.23 17.69
CA THR C 21 13.38 16.21 18.81
C THR C 21 13.47 14.84 19.51
N GLY C 22 13.30 14.80 20.82
CA GLY C 22 13.55 13.57 21.56
C GLY C 22 14.97 13.03 21.39
N GLY C 23 15.93 13.93 21.17
CA GLY C 23 17.31 13.56 20.83
C GLY C 23 18.22 13.09 21.98
N SER C 24 17.67 12.92 23.18
CA SER C 24 18.50 12.56 24.34
C SER C 24 18.23 11.16 24.91
N THR C 25 17.36 10.40 24.27
CA THR C 25 17.10 9.02 24.66
C THR C 25 16.95 8.16 23.40
N GLY C 26 17.12 6.85 23.59
CA GLY C 26 16.79 5.86 22.58
C GLY C 26 17.17 6.22 21.16
N LEU C 27 16.18 6.24 20.27
CA LEU C 27 16.49 6.41 18.85
C LEU C 27 17.02 7.81 18.54
N GLY C 28 16.44 8.83 19.17
CA GLY C 28 16.88 10.20 18.97
C GLY C 28 18.35 10.38 19.32
N ARG C 29 18.77 9.73 20.40
CA ARG C 29 20.15 9.80 20.87
C ARG C 29 21.11 9.01 19.98
N ALA C 30 20.71 7.81 19.55
CA ALA C 30 21.55 7.06 18.61
C ALA C 30 21.75 7.90 17.34
N MET C 31 20.66 8.53 16.88
CA MET C 31 20.77 9.41 15.73
C MET C 31 21.74 10.56 15.98
N ALA C 32 21.61 11.20 17.15
CA ALA C 32 22.47 12.33 17.51
C ALA C 32 23.95 11.94 17.50
N VAL C 33 24.24 10.80 18.12
CA VAL C 33 25.57 10.24 18.19
C VAL C 33 26.11 9.95 16.78
N ARG C 34 25.30 9.29 15.95
CA ARG C 34 25.70 8.96 14.58
C ARG C 34 25.97 10.21 13.71
N PHE C 35 25.15 11.23 13.85
CA PHE C 35 25.41 12.50 13.18
C PHE C 35 26.67 13.16 13.75
N GLY C 36 26.95 12.88 15.02
CA GLY C 36 28.20 13.28 15.66
C GLY C 36 29.40 12.59 15.03
N GLN C 37 29.28 11.27 14.86
CA GLN C 37 30.26 10.48 14.12
C GLN C 37 30.49 10.99 12.69
N GLU C 38 29.47 11.62 12.10
CA GLU C 38 29.61 12.23 10.76
C GLU C 38 30.08 13.69 10.81
N GLU C 39 30.49 14.15 12.01
CA GLU C 39 30.97 15.54 12.21
C GLU C 39 29.89 16.58 11.91
N ALA C 40 28.64 16.22 12.19
CA ALA C 40 27.56 17.17 12.11
C ALA C 40 27.52 18.08 13.34
N LYS C 41 26.72 19.13 13.24
CA LYS C 41 26.39 19.99 14.38
C LYS C 41 24.96 19.65 14.80
N VAL C 42 24.84 18.99 15.96
CA VAL C 42 23.59 18.41 16.40
C VAL C 42 22.88 19.33 17.40
N VAL C 43 21.59 19.58 17.17
CA VAL C 43 20.76 20.29 18.14
C VAL C 43 19.82 19.29 18.81
N ILE C 44 20.10 19.00 20.08
CA ILE C 44 19.36 18.02 20.85
C ILE C 44 18.23 18.73 21.60
N ASN C 45 17.00 18.54 21.13
CA ASN C 45 15.81 18.90 21.90
C ASN C 45 15.51 17.85 22.97
N TYR C 46 15.06 18.30 24.14
CA TYR C 46 14.63 17.40 25.21
C TYR C 46 13.41 17.98 25.93
N TYR C 47 12.61 17.10 26.51
CA TYR C 47 11.40 17.52 27.21
C TYR C 47 11.75 18.08 28.59
N ASN C 48 12.33 17.27 29.46
CA ASN C 48 12.57 17.71 30.82
C ASN C 48 13.83 17.22 31.53
N ASN C 49 14.44 16.13 31.07
CA ASN C 49 15.63 15.58 31.74
C ASN C 49 16.93 16.15 31.22
N GLU C 50 17.27 17.34 31.71
CA GLU C 50 18.45 18.08 31.29
C GLU C 50 19.75 17.30 31.49
N GLU C 51 19.87 16.61 32.61
CA GLU C 51 21.07 15.83 32.92
C GLU C 51 21.31 14.74 31.87
N GLU C 52 20.24 14.07 31.46
CA GLU C 52 20.27 13.09 30.37
C GLU C 52 20.65 13.72 29.02
N ALA C 53 20.10 14.91 28.73
CA ALA C 53 20.45 15.64 27.50
C ALA C 53 21.93 16.05 27.45
N LEU C 54 22.47 16.44 28.62
CA LEU C 54 23.89 16.78 28.73
C LEU C 54 24.79 15.58 28.45
N ASP C 55 24.39 14.39 28.92
CA ASP C 55 25.13 13.16 28.62
C ASP C 55 25.13 12.89 27.12
N ALA C 56 23.97 13.11 26.51
CA ALA C 56 23.84 12.98 25.06
C ALA C 56 24.73 14.01 24.34
N LYS C 57 24.67 15.26 24.79
CA LYS C 57 25.55 16.31 24.26
C LYS C 57 27.02 15.88 24.28
N LYS C 58 27.45 15.30 25.41
CA LYS C 58 28.83 14.84 25.58
C LYS C 58 29.17 13.76 24.57
N GLU C 59 28.30 12.76 24.47
CA GLU C 59 28.48 11.67 23.50
C GLU C 59 28.67 12.16 22.06
N VAL C 60 27.86 13.13 21.62
CA VAL C 60 28.01 13.72 20.27
C VAL C 60 29.41 14.33 20.08
N GLU C 61 29.83 15.12 21.06
CA GLU C 61 31.14 15.76 21.06
C GLU C 61 32.26 14.71 21.05
N GLU C 62 32.15 13.73 21.94
CA GLU C 62 33.08 12.61 22.01
C GLU C 62 33.18 11.89 20.67
N ALA C 63 32.05 11.75 19.99
CA ALA C 63 31.98 11.04 18.70
C ALA C 63 32.60 11.86 17.56
N GLY C 64 32.79 13.16 17.76
CA GLY C 64 33.45 14.00 16.76
C GLY C 64 32.60 15.13 16.22
N GLY C 65 31.46 15.37 16.85
CA GLY C 65 30.62 16.47 16.42
C GLY C 65 30.52 17.63 17.41
N GLN C 66 29.65 18.56 17.07
CA GLN C 66 29.27 19.65 17.93
C GLN C 66 27.81 19.45 18.32
N ALA C 67 27.43 19.98 19.48
CA ALA C 67 26.11 19.72 20.06
C ALA C 67 25.73 20.82 21.04
N ILE C 68 24.45 21.22 20.99
CA ILE C 68 23.86 22.05 22.03
C ILE C 68 22.62 21.31 22.48
N ILE C 69 22.02 21.77 23.59
CA ILE C 69 20.75 21.20 24.04
C ILE C 69 19.73 22.31 24.24
N VAL C 70 18.51 22.04 23.80
CA VAL C 70 17.44 23.04 23.83
C VAL C 70 16.22 22.36 24.37
N GLN C 71 15.70 22.86 25.48
CA GLN C 71 14.46 22.33 26.03
C GLN C 71 13.31 22.76 25.12
N GLY C 72 12.33 21.86 24.98
CA GLY C 72 11.17 22.13 24.13
C GLY C 72 10.08 21.08 24.30
N ASP C 73 8.84 21.54 24.31
CA ASP C 73 7.70 20.65 24.29
C ASP C 73 7.15 20.72 22.87
N VAL C 74 7.23 19.60 22.16
CA VAL C 74 6.82 19.57 20.75
C VAL C 74 5.32 19.81 20.52
N THR C 75 4.53 19.67 21.58
CA THR C 75 3.10 20.04 21.54
C THR C 75 2.85 21.56 21.66
N LYS C 76 3.88 22.34 21.98
CA LYS C 76 3.76 23.81 22.06
C LYS C 76 4.41 24.48 20.86
N GLU C 77 3.61 25.24 20.13
CA GLU C 77 4.07 25.86 18.88
C GLU C 77 5.29 26.77 19.11
N GLU C 78 5.19 27.63 20.12
CA GLU C 78 6.27 28.55 20.51
C GLU C 78 7.59 27.80 20.77
N ASP C 79 7.51 26.66 21.45
CA ASP C 79 8.66 25.78 21.71
C ASP C 79 9.33 25.25 20.44
N VAL C 80 8.52 24.84 19.47
CA VAL C 80 9.04 24.33 18.20
C VAL C 80 9.61 25.46 17.36
N VAL C 81 8.96 26.62 17.41
CA VAL C 81 9.53 27.82 16.77
C VAL C 81 10.88 28.19 17.41
N ASN C 82 10.90 28.26 18.75
CA ASN C 82 12.16 28.48 19.48
C ASN C 82 13.26 27.49 19.10
N LEU C 83 12.91 26.21 19.05
CA LEU C 83 13.87 25.14 18.74
C LEU C 83 14.61 25.36 17.41
N VAL C 84 13.86 25.69 16.37
CA VAL C 84 14.43 25.95 15.05
C VAL C 84 15.22 27.27 15.01
N GLN C 85 14.68 28.30 15.66
CA GLN C 85 15.34 29.62 15.71
C GLN C 85 16.72 29.53 16.34
N THR C 86 16.77 28.78 17.44
CA THR C 86 18.00 28.54 18.18
C THR C 86 19.07 27.83 17.35
N ALA C 87 18.67 26.82 16.59
CA ALA C 87 19.58 26.14 15.68
C ALA C 87 20.17 27.13 14.68
N ILE C 88 19.32 27.96 14.12
CA ILE C 88 19.74 28.96 13.13
C ILE C 88 20.66 30.01 13.76
N LYS C 89 20.31 30.48 14.96
CA LYS C 89 21.14 31.47 15.66
C LYS C 89 22.50 30.89 16.10
N GLU C 90 22.45 29.76 16.81
CA GLU C 90 23.65 29.13 17.37
C GLU C 90 24.64 28.57 16.32
N PHE C 91 24.13 27.88 15.30
CA PHE C 91 25.01 27.29 14.29
C PHE C 91 24.97 28.01 12.94
N GLY C 92 24.08 28.99 12.79
CA GLY C 92 24.06 29.83 11.58
C GLY C 92 23.18 29.39 10.42
N THR C 93 22.68 28.16 10.48
CA THR C 93 21.80 27.62 9.45
C THR C 93 21.05 26.38 9.94
N LEU C 94 20.25 25.79 9.07
CA LEU C 94 19.58 24.51 9.34
C LEU C 94 19.64 23.63 8.10
N ASP C 95 19.98 22.36 8.27
CA ASP C 95 20.12 21.46 7.13
C ASP C 95 19.21 20.25 7.18
N VAL C 96 19.07 19.64 8.36
CA VAL C 96 18.28 18.44 8.52
C VAL C 96 17.42 18.58 9.76
N MET C 97 16.13 18.33 9.60
CA MET C 97 15.18 18.40 10.69
C MET C 97 14.64 17.01 10.98
N ILE C 98 14.82 16.52 12.21
CA ILE C 98 14.38 15.20 12.57
C ILE C 98 13.36 15.24 13.69
N ASN C 99 12.11 14.96 13.33
CA ASN C 99 11.01 14.90 14.26
C ASN C 99 10.88 13.47 14.78
N ASN C 100 11.40 13.23 15.98
CA ASN C 100 11.54 11.87 16.52
C ASN C 100 10.71 11.70 17.78
N ALA C 101 10.47 12.78 18.52
CA ALA C 101 9.66 12.71 19.73
C ALA C 101 8.34 11.98 19.48
N GLY C 102 8.00 11.07 20.38
CA GLY C 102 6.76 10.34 20.31
C GLY C 102 6.52 9.59 21.60
N VAL C 103 5.24 9.34 21.90
CA VAL C 103 4.82 8.56 23.06
C VAL C 103 3.70 7.59 22.67
N GLU C 104 3.43 6.63 23.56
CA GLU C 104 2.44 5.59 23.34
C GLU C 104 1.97 5.06 24.71
N ASN C 105 0.79 4.45 24.76
CA ASN C 105 0.33 3.68 25.94
C ASN C 105 -0.88 2.80 25.63
N PRO C 106 -0.94 1.58 26.20
CA PRO C 106 -2.05 0.67 25.86
C PRO C 106 -3.37 0.97 26.56
N VAL C 107 -4.42 1.18 25.77
CA VAL C 107 -5.80 1.30 26.27
C VAL C 107 -6.76 0.66 25.28
N PRO C 108 -7.59 -0.31 25.74
CA PRO C 108 -8.69 -0.78 24.89
C PRO C 108 -9.40 0.41 24.23
N SER C 109 -9.55 0.35 22.91
CA SER C 109 -9.99 1.53 22.15
C SER C 109 -11.29 2.17 22.61
N HIS C 110 -12.29 1.35 22.95
CA HIS C 110 -13.59 1.90 23.34
C HIS C 110 -13.50 2.59 24.71
N GLU C 111 -12.48 2.24 25.49
CA GLU C 111 -12.17 2.89 26.76
C GLU C 111 -11.21 4.08 26.68
N LEU C 112 -10.71 4.42 25.50
CA LEU C 112 -9.69 5.47 25.38
C LEU C 112 -10.26 6.88 25.54
N SER C 113 -9.68 7.66 26.45
CA SER C 113 -10.17 9.02 26.72
C SER C 113 -9.72 9.99 25.64
N LEU C 114 -10.47 11.08 25.47
CA LEU C 114 -10.10 12.11 24.50
C LEU C 114 -8.75 12.75 24.84
N ASP C 115 -8.48 12.92 26.14
CA ASP C 115 -7.25 13.57 26.61
C ASP C 115 -6.05 12.71 26.24
N ASN C 116 -6.19 11.41 26.46
CA ASN C 116 -5.16 10.46 26.15
C ASN C 116 -4.93 10.31 24.64
N TRP C 117 -6.02 10.25 23.86
CA TRP C 117 -5.95 10.33 22.40
C TRP C 117 -5.20 11.60 21.94
N ASN C 118 -5.64 12.76 22.41
CA ASN C 118 -5.03 14.04 22.07
C ASN C 118 -3.52 14.11 22.36
N LYS C 119 -3.12 13.60 23.53
CA LYS C 119 -1.72 13.63 23.93
C LYS C 119 -0.87 12.95 22.85
N VAL C 120 -1.25 11.75 22.43
CA VAL C 120 -0.52 11.01 21.42
C VAL C 120 -0.56 11.67 20.03
N ILE C 121 -1.75 12.07 19.56
CA ILE C 121 -1.84 12.82 18.30
C ILE C 121 -0.97 14.09 18.32
N ASP C 122 -1.16 14.94 19.34
CA ASP C 122 -0.42 16.20 19.46
C ASP C 122 1.09 15.99 19.46
N THR C 123 1.55 15.02 20.24
CA THR C 123 2.99 14.74 20.33
C THR C 123 3.52 14.16 19.02
N ASN C 124 2.89 13.09 18.55
CA ASN C 124 3.43 12.27 17.47
C ASN C 124 3.23 12.82 16.09
N LEU C 125 2.03 13.36 15.83
CA LEU C 125 1.66 13.83 14.52
C LEU C 125 1.85 15.34 14.43
N THR C 126 1.13 16.08 15.27
CA THR C 126 1.15 17.55 15.18
C THR C 126 2.53 18.08 15.53
N GLY C 127 3.17 17.47 16.54
CA GLY C 127 4.58 17.74 16.80
C GLY C 127 5.44 17.71 15.54
N ALA C 128 5.24 16.67 14.72
CA ALA C 128 6.04 16.51 13.51
C ALA C 128 5.65 17.53 12.45
N PHE C 129 4.36 17.83 12.36
CA PHE C 129 3.91 18.88 11.43
C PHE C 129 4.61 20.22 11.73
N LEU C 130 4.51 20.67 12.97
CA LEU C 130 5.15 21.91 13.43
C LEU C 130 6.66 21.99 13.12
N GLY C 131 7.39 20.93 13.46
CA GLY C 131 8.82 20.82 13.15
C GLY C 131 9.08 20.93 11.67
N SER C 132 8.29 20.18 10.90
CA SER C 132 8.42 20.09 9.47
C SER C 132 8.13 21.45 8.83
N ARG C 133 7.04 22.08 9.27
CA ARG C 133 6.65 23.41 8.78
C ARG C 133 7.72 24.46 9.05
N GLU C 134 8.25 24.47 10.27
CA GLU C 134 9.27 25.44 10.63
C GLU C 134 10.56 25.22 9.82
N ALA C 135 10.96 23.97 9.67
CA ALA C 135 12.15 23.66 8.87
C ALA C 135 11.95 24.09 7.44
N ILE C 136 10.81 23.71 6.86
CA ILE C 136 10.53 23.97 5.45
C ILE C 136 10.39 25.48 5.16
N LYS C 137 9.71 26.20 6.06
CA LYS C 137 9.65 27.67 6.01
C LYS C 137 11.07 28.26 5.87
N TYR C 138 11.99 27.84 6.72
CA TYR C 138 13.38 28.27 6.62
C TYR C 138 14.08 27.89 5.31
N PHE C 139 13.92 26.63 4.86
CA PHE C 139 14.51 26.22 3.58
C PHE C 139 13.97 27.04 2.41
N VAL C 140 12.66 27.29 2.43
CA VAL C 140 11.99 28.01 1.35
C VAL C 140 12.47 29.47 1.33
N GLU C 141 12.42 30.14 2.48
CA GLU C 141 12.84 31.54 2.60
C GLU C 141 14.29 31.76 2.17
N ASN C 142 15.10 30.72 2.29
CA ASN C 142 16.54 30.85 2.09
C ASN C 142 17.15 29.99 1.00
N ASP C 143 16.31 29.36 0.18
CA ASP C 143 16.76 28.55 -0.97
C ASP C 143 17.71 27.42 -0.59
N ILE C 144 17.52 26.86 0.59
CA ILE C 144 18.33 25.75 1.03
C ILE C 144 17.63 24.43 0.65
N LYS C 145 18.37 23.56 -0.06
CA LYS C 145 17.84 22.25 -0.43
C LYS C 145 17.91 21.34 0.81
N GLY C 146 17.11 21.69 1.82
CA GLY C 146 17.14 21.03 3.11
C GLY C 146 16.49 19.66 3.12
N ASN C 147 16.46 19.07 4.29
CA ASN C 147 16.03 17.71 4.48
C ASN C 147 15.13 17.60 5.71
N VAL C 148 14.08 16.77 5.63
CA VAL C 148 13.24 16.47 6.80
C VAL C 148 13.09 14.98 6.94
N ILE C 149 13.33 14.47 8.15
CA ILE C 149 13.14 13.07 8.45
C ILE C 149 12.15 12.94 9.60
N ASN C 150 11.02 12.29 9.33
CA ASN C 150 10.05 12.06 10.36
C ASN C 150 10.12 10.62 10.84
N MET C 151 10.15 10.45 12.16
CA MET C 151 10.20 9.12 12.73
C MET C 151 8.79 8.54 12.85
N SER C 152 8.49 7.61 11.95
CA SER C 152 7.21 6.97 11.94
C SER C 152 7.34 5.67 12.72
N SER C 153 6.85 4.59 12.13
CA SER C 153 6.80 3.28 12.76
C SER C 153 6.26 2.30 11.70
N VAL C 154 6.53 1.01 11.88
CA VAL C 154 5.76 -0.01 11.19
C VAL C 154 4.25 0.19 11.37
N HIS C 155 3.85 0.92 12.41
CA HIS C 155 2.43 1.17 12.68
C HIS C 155 1.80 2.30 11.89
N GLU C 156 2.51 2.81 10.90
CA GLU C 156 1.87 3.57 9.80
C GLU C 156 1.33 2.57 8.76
N MET C 157 1.59 1.27 8.99
CA MET C 157 1.12 0.23 8.08
C MET C 157 0.46 -0.91 8.88
N ILE C 158 1.12 -1.29 9.97
CA ILE C 158 0.60 -2.35 10.82
C ILE C 158 -0.39 -1.72 11.81
N PRO C 159 -1.69 -2.08 11.70
CA PRO C 159 -2.65 -1.64 12.71
C PRO C 159 -2.28 -2.15 14.11
N TRP C 160 -2.73 -1.47 15.15
CA TRP C 160 -2.24 -1.79 16.48
C TRP C 160 -3.29 -1.63 17.56
N PRO C 161 -4.08 -2.70 17.77
CA PRO C 161 -5.15 -2.70 18.77
C PRO C 161 -4.57 -2.28 20.12
N LEU C 162 -5.34 -1.48 20.86
CA LEU C 162 -4.94 -0.94 22.16
C LEU C 162 -4.04 0.26 22.01
N PHE C 163 -3.64 0.55 20.78
CA PHE C 163 -2.78 1.68 20.50
C PHE C 163 -3.32 2.43 19.28
N VAL C 164 -4.64 2.58 19.23
CA VAL C 164 -5.31 3.22 18.09
C VAL C 164 -4.86 4.67 17.91
N HIS C 165 -4.57 5.34 19.02
CA HIS C 165 -4.05 6.72 18.97
C HIS C 165 -2.66 6.79 18.30
N TYR C 166 -1.78 5.88 18.68
CA TYR C 166 -0.46 5.71 18.08
C TYR C 166 -0.54 5.40 16.58
N ALA C 167 -1.28 4.33 16.25
CA ALA C 167 -1.44 3.89 14.87
C ALA C 167 -1.94 5.06 14.03
N ALA C 168 -3.01 5.68 14.50
CA ALA C 168 -3.56 6.87 13.84
C ALA C 168 -2.53 7.98 13.65
N SER C 169 -1.72 8.24 14.69
CA SER C 169 -0.70 9.31 14.57
C SER C 169 0.32 9.01 13.47
N LYS C 170 0.69 7.74 13.35
CA LYS C 170 1.70 7.33 12.35
C LYS C 170 1.12 7.25 10.92
N GLY C 171 -0.11 6.76 10.81
CA GLY C 171 -0.86 6.84 9.57
C GLY C 171 -0.95 8.27 9.05
N GLY C 172 -1.23 9.22 9.93
CA GLY C 172 -1.30 10.62 9.53
C GLY C 172 0.06 11.13 9.11
N MET C 173 1.07 10.76 9.89
CA MET C 173 2.47 11.12 9.58
C MET C 173 2.87 10.70 8.18
N LYS C 174 2.46 9.50 7.78
CA LYS C 174 2.72 9.00 6.44
C LYS C 174 2.22 9.98 5.36
N LEU C 175 0.92 10.29 5.37
CA LEU C 175 0.35 11.19 4.38
C LEU C 175 0.88 12.63 4.51
N MET C 176 1.17 13.05 5.75
CA MET C 176 1.81 14.34 5.98
C MET C 176 3.17 14.40 5.29
N THR C 177 4.02 13.41 5.56
CA THR C 177 5.32 13.33 4.89
C THR C 177 5.22 13.27 3.35
N GLU C 178 4.35 12.39 2.84
CA GLU C 178 4.21 12.22 1.42
C GLU C 178 3.74 13.51 0.74
N THR C 179 2.77 14.18 1.38
CA THR C 179 2.26 15.47 0.92
C THR C 179 3.36 16.54 0.84
N LEU C 180 4.06 16.76 1.96
CA LEU C 180 5.18 17.70 2.02
C LEU C 180 6.26 17.39 0.99
N ALA C 181 6.56 16.10 0.84
CA ALA C 181 7.57 15.69 -0.14
C ALA C 181 7.15 16.11 -1.54
N LEU C 182 5.87 15.91 -1.88
CA LEU C 182 5.36 16.26 -3.20
C LEU C 182 5.32 17.76 -3.43
N GLU C 183 4.83 18.47 -2.42
CA GLU C 183 4.72 19.92 -2.48
C GLU C 183 6.10 20.59 -2.60
N TYR C 184 7.10 20.06 -1.92
CA TYR C 184 8.39 20.76 -1.89
C TYR C 184 9.51 20.15 -2.74
N ALA C 185 9.23 19.00 -3.34
CA ALA C 185 10.17 18.37 -4.28
C ALA C 185 10.74 19.33 -5.34
N PRO C 186 9.91 20.21 -5.96
CA PRO C 186 10.51 21.10 -7.01
C PRO C 186 11.54 22.10 -6.47
N LYS C 187 11.59 22.28 -5.15
CA LYS C 187 12.63 23.10 -4.54
C LYS C 187 13.84 22.30 -4.03
N GLY C 188 13.84 20.99 -4.27
CA GLY C 188 14.92 20.13 -3.80
C GLY C 188 14.86 19.79 -2.32
N ILE C 189 13.74 20.09 -1.67
CA ILE C 189 13.57 19.75 -0.27
C ILE C 189 13.02 18.32 -0.16
N ARG C 190 13.81 17.44 0.45
CA ARG C 190 13.40 16.05 0.57
C ARG C 190 12.77 15.78 1.92
N VAL C 191 11.68 15.02 1.89
CA VAL C 191 10.93 14.68 3.10
C VAL C 191 10.64 13.18 3.10
N ASN C 192 11.08 12.51 4.16
CA ASN C 192 10.99 11.04 4.26
C ASN C 192 10.68 10.60 5.67
N ASN C 193 10.01 9.44 5.79
CA ASN C 193 9.82 8.73 7.07
C ASN C 193 10.79 7.58 7.19
N ILE C 194 11.13 7.24 8.44
CA ILE C 194 11.73 5.96 8.79
C ILE C 194 10.67 5.19 9.59
N GLY C 195 10.51 3.91 9.32
CA GLY C 195 9.54 3.12 10.07
C GLY C 195 10.20 1.98 10.84
N PRO C 196 10.64 2.23 12.08
CA PRO C 196 11.31 1.17 12.83
C PRO C 196 10.36 0.08 13.31
N GLY C 197 10.89 -1.12 13.46
CA GLY C 197 10.19 -2.22 14.10
C GLY C 197 10.46 -2.14 15.59
N ALA C 198 10.41 -3.28 16.26
CA ALA C 198 10.66 -3.34 17.70
C ALA C 198 12.13 -3.06 18.00
N MET C 199 12.39 -1.96 18.72
CA MET C 199 13.75 -1.49 19.00
C MET C 199 14.06 -1.46 20.50
N ASN C 200 15.33 -1.70 20.82
CA ASN C 200 15.80 -1.69 22.21
C ASN C 200 15.97 -0.27 22.72
N THR C 201 14.86 0.36 23.14
CA THR C 201 14.87 1.73 23.65
C THR C 201 14.01 1.84 24.92
N PRO C 202 14.00 3.02 25.58
CA PRO C 202 13.18 3.19 26.80
C PRO C 202 11.67 3.01 26.62
N ILE C 203 11.14 3.37 25.45
CA ILE C 203 9.72 3.14 25.14
C ILE C 203 9.29 1.68 25.35
N ASN C 204 10.25 0.76 25.20
CA ASN C 204 10.01 -0.68 25.39
C ASN C 204 10.67 -1.30 26.64
N ALA C 205 11.16 -0.45 27.54
CA ALA C 205 11.94 -0.92 28.71
C ALA C 205 11.18 -1.89 29.64
N GLU C 206 9.98 -1.50 30.04
CA GLU C 206 9.15 -2.33 30.92
C GLU C 206 8.79 -3.65 30.23
N LYS C 207 8.31 -3.54 28.98
CA LYS C 207 7.97 -4.71 28.16
C LYS C 207 9.13 -5.69 28.01
N PHE C 208 10.32 -5.20 27.68
CA PHE C 208 11.46 -6.08 27.47
C PHE C 208 12.10 -6.63 28.75
N ALA C 209 11.69 -6.09 29.90
CA ALA C 209 12.13 -6.59 31.22
C ALA C 209 11.54 -7.98 31.50
N ASP C 210 10.28 -8.17 31.14
CA ASP C 210 9.58 -9.45 31.27
C ASP C 210 10.12 -10.43 30.20
N PRO C 211 10.72 -11.56 30.63
CA PRO C 211 11.32 -12.49 29.66
C PRO C 211 10.32 -13.20 28.73
N VAL C 212 9.09 -13.40 29.20
CA VAL C 212 8.01 -13.92 28.35
C VAL C 212 7.51 -12.89 27.29
N GLN C 213 7.34 -11.63 27.68
CA GLN C 213 6.95 -10.58 26.73
C GLN C 213 8.03 -10.25 25.69
N ARG C 214 9.29 -10.23 26.14
CA ARG C 214 10.45 -10.03 25.27
C ARG C 214 10.55 -11.14 24.25
N ALA C 215 10.37 -12.38 24.72
CA ALA C 215 10.38 -13.55 23.85
C ALA C 215 9.23 -13.50 22.85
N ASP C 216 8.12 -12.89 23.27
CA ASP C 216 6.92 -12.78 22.46
C ASP C 216 7.15 -11.77 21.33
N VAL C 217 7.69 -10.60 21.68
CA VAL C 217 8.06 -9.59 20.67
C VAL C 217 9.03 -10.19 19.64
N GLU C 218 10.07 -10.87 20.11
CA GLU C 218 11.05 -11.50 19.23
C GLU C 218 10.43 -12.47 18.22
N SER C 219 9.46 -13.27 18.67
CA SER C 219 8.71 -14.20 17.82
C SER C 219 7.90 -13.47 16.74
N MET C 220 7.75 -12.16 16.88
CA MET C 220 7.07 -11.38 15.85
C MET C 220 8.03 -10.67 14.90
N ILE C 221 9.33 -10.91 15.09
CA ILE C 221 10.36 -10.28 14.26
C ILE C 221 10.99 -11.39 13.43
N PRO C 222 10.73 -11.42 12.11
CA PRO C 222 11.27 -12.49 11.29
C PRO C 222 12.81 -12.64 11.37
N MET C 223 13.54 -11.53 11.43
CA MET C 223 15.00 -11.62 11.57
C MET C 223 15.46 -12.16 12.94
N GLY C 224 14.56 -12.22 13.91
CA GLY C 224 14.80 -12.95 15.16
C GLY C 224 15.43 -12.15 16.29
N TYR C 225 15.64 -10.86 16.08
CA TYR C 225 16.19 -10.03 17.14
C TYR C 225 15.60 -8.63 17.17
N ILE C 226 15.46 -8.12 18.39
CA ILE C 226 15.04 -6.75 18.65
C ILE C 226 16.14 -5.82 18.14
N GLY C 227 15.75 -4.80 17.39
CA GLY C 227 16.72 -3.93 16.74
C GLY C 227 17.54 -3.07 17.68
N LYS C 228 18.82 -2.87 17.32
CA LYS C 228 19.71 -1.99 18.06
C LYS C 228 19.50 -0.58 17.50
N PRO C 229 19.38 0.44 18.37
CA PRO C 229 19.09 1.80 17.93
C PRO C 229 20.00 2.34 16.84
N GLU C 230 21.26 1.91 16.81
CA GLU C 230 22.22 2.33 15.79
C GLU C 230 21.86 1.86 14.36
N GLU C 231 21.11 0.76 14.24
CA GLU C 231 20.58 0.29 12.95
C GLU C 231 19.58 1.28 12.31
N VAL C 232 18.84 2.01 13.15
CA VAL C 232 17.93 3.06 12.69
C VAL C 232 18.71 4.33 12.40
N ALA C 233 19.67 4.66 13.27
CA ALA C 233 20.56 5.80 13.04
C ALA C 233 21.28 5.71 11.69
N ALA C 234 21.67 4.50 11.29
CA ALA C 234 22.28 4.26 9.98
C ALA C 234 21.36 4.68 8.79
N VAL C 235 20.08 4.31 8.91
CA VAL C 235 19.03 4.69 7.97
C VAL C 235 18.88 6.21 7.88
N ALA C 236 18.81 6.86 9.05
CA ALA C 236 18.77 8.32 9.11
C ALA C 236 19.95 9.01 8.40
N ALA C 237 21.14 8.48 8.61
CA ALA C 237 22.35 9.09 8.02
C ALA C 237 22.34 8.94 6.51
N PHE C 238 21.89 7.77 6.04
CA PHE C 238 21.70 7.57 4.62
C PHE C 238 20.69 8.56 4.02
N LEU C 239 19.51 8.67 4.64
CA LEU C 239 18.43 9.51 4.10
C LEU C 239 18.80 10.98 4.12
N ALA C 240 19.49 11.38 5.18
CA ALA C 240 19.91 12.76 5.35
C ALA C 240 20.98 13.14 4.33
N SER C 241 21.74 12.15 3.87
CA SER C 241 22.90 12.39 3.02
C SER C 241 22.53 12.54 1.56
N SER C 242 23.50 13.03 0.78
CA SER C 242 23.31 13.16 -0.65
C SER C 242 23.35 11.79 -1.37
N GLN C 243 23.65 10.71 -0.64
CA GLN C 243 23.48 9.35 -1.17
C GLN C 243 22.02 9.08 -1.56
N ALA C 244 21.11 9.67 -0.79
CA ALA C 244 19.70 9.59 -1.03
C ALA C 244 19.16 10.77 -1.84
N SER C 245 19.98 11.35 -2.72
CA SER C 245 19.56 12.53 -3.52
C SER C 245 18.24 12.38 -4.31
N TYR C 246 17.92 11.20 -4.80
CA TYR C 246 16.70 11.01 -5.61
C TYR C 246 15.56 10.38 -4.82
N VAL C 247 15.69 10.38 -3.50
CA VAL C 247 14.77 9.65 -2.63
C VAL C 247 14.00 10.67 -1.81
N THR C 248 12.71 10.77 -2.05
CA THR C 248 11.85 11.65 -1.26
C THR C 248 10.47 11.02 -1.13
N GLY C 249 9.74 11.39 -0.09
CA GLY C 249 8.36 10.92 0.06
C GLY C 249 8.21 9.46 0.48
N ILE C 250 9.31 8.81 0.81
CA ILE C 250 9.21 7.38 1.10
C ILE C 250 9.08 7.10 2.58
N THR C 251 8.70 5.87 2.91
CA THR C 251 8.91 5.34 4.26
C THR C 251 9.88 4.17 4.16
N LEU C 252 11.07 4.32 4.73
CA LEU C 252 12.05 3.27 4.67
C LEU C 252 11.90 2.49 5.97
N PHE C 253 11.35 1.28 5.87
CA PHE C 253 11.17 0.42 7.05
C PHE C 253 12.45 -0.25 7.46
N ALA C 254 12.80 -0.09 8.74
CA ALA C 254 13.90 -0.83 9.39
C ALA C 254 13.34 -1.73 10.48
N ASP C 255 12.89 -2.92 10.12
CA ASP C 255 12.01 -3.65 11.02
C ASP C 255 12.26 -5.15 11.15
N GLY C 256 13.38 -5.62 10.64
CA GLY C 256 13.68 -7.05 10.60
C GLY C 256 12.58 -7.94 10.02
N GLY C 257 11.76 -7.38 9.13
CA GLY C 257 10.71 -8.13 8.43
C GLY C 257 9.31 -8.03 9.00
N MET C 258 9.12 -7.16 10.00
CA MET C 258 7.84 -7.08 10.69
C MET C 258 6.64 -6.80 9.79
N THR C 259 6.77 -5.85 8.86
CA THR C 259 5.67 -5.45 7.98
C THR C 259 5.27 -6.52 6.96
N LYS C 260 6.10 -7.56 6.84
CA LYS C 260 5.83 -8.66 5.92
C LYS C 260 4.87 -9.74 6.48
N TYR C 261 4.22 -9.46 7.61
CA TYR C 261 3.21 -10.36 8.21
C TYR C 261 3.87 -11.59 8.87
N PRO C 262 4.37 -11.43 10.10
CA PRO C 262 5.12 -12.54 10.72
C PRO C 262 4.35 -13.85 10.89
N SER C 263 3.03 -13.80 10.98
CA SER C 263 2.27 -15.01 11.20
C SER C 263 2.18 -15.92 9.96
N PHE C 264 2.46 -15.37 8.78
CA PHE C 264 2.44 -16.14 7.53
C PHE C 264 3.76 -16.80 7.19
N GLN C 265 4.72 -16.74 8.11
CA GLN C 265 5.94 -17.53 7.97
C GLN C 265 5.61 -19.02 7.87
N PHE C 266 6.50 -19.77 7.21
CA PHE C 266 6.45 -21.23 7.07
C PHE C 266 5.26 -21.74 6.27
N GLY C 267 4.60 -20.85 5.52
CA GLY C 267 3.45 -21.24 4.71
C GLY C 267 2.17 -21.49 5.50
N ARG C 268 2.05 -20.84 6.67
CA ARG C 268 0.82 -20.85 7.45
C ARG C 268 -0.27 -20.00 6.77
N GLY C 269 -1.53 -20.30 7.09
CA GLY C 269 -2.68 -19.54 6.59
C GLY C 269 -3.45 -20.27 5.50
N HIS D 3 -46.10 1.87 3.90
CA HIS D 3 -46.29 1.19 2.58
C HIS D 3 -45.01 0.46 2.16
N HIS D 4 -45.16 -0.74 1.60
CA HIS D 4 -44.02 -1.50 1.07
C HIS D 4 -44.29 -1.82 -0.41
N HIS D 5 -44.38 -0.76 -1.21
CA HIS D 5 -44.82 -0.90 -2.60
C HIS D 5 -43.70 -1.15 -3.62
N HIS D 6 -42.46 -1.17 -3.13
CA HIS D 6 -41.30 -1.52 -3.95
C HIS D 6 -40.35 -2.44 -3.18
N HIS D 7 -39.75 -3.38 -3.92
CA HIS D 7 -38.69 -4.20 -3.36
C HIS D 7 -37.49 -3.30 -3.04
N HIS D 8 -36.79 -3.62 -1.95
CA HIS D 8 -35.50 -2.99 -1.72
C HIS D 8 -34.35 -4.00 -1.76
N MET D 9 -33.16 -3.48 -2.08
CA MET D 9 -31.98 -4.27 -2.39
C MET D 9 -31.46 -5.04 -1.17
N TYR D 10 -31.27 -4.35 -0.05
CA TYR D 10 -30.70 -4.97 1.15
C TYR D 10 -31.76 -5.14 2.25
N THR D 11 -32.47 -6.26 2.20
CA THR D 11 -33.60 -6.48 3.11
C THR D 11 -33.18 -6.46 4.57
N ASP D 12 -31.95 -6.89 4.83
CA ASP D 12 -31.36 -6.88 6.18
C ASP D 12 -31.12 -5.47 6.76
N LEU D 13 -31.19 -4.43 5.93
CA LEU D 13 -31.03 -3.05 6.42
C LEU D 13 -32.33 -2.42 6.96
N LYS D 14 -33.50 -2.98 6.58
CA LYS D 14 -34.81 -2.55 7.07
C LYS D 14 -34.82 -2.44 8.59
N ASP D 15 -35.26 -1.28 9.09
CA ASP D 15 -35.35 -0.99 10.53
C ASP D 15 -34.01 -0.90 11.29
N LYS D 16 -32.87 -0.92 10.58
CA LYS D 16 -31.57 -0.75 11.25
C LYS D 16 -31.38 0.70 11.62
N VAL D 17 -30.77 0.94 12.77
CA VAL D 17 -30.51 2.31 13.23
C VAL D 17 -29.15 2.81 12.74
N VAL D 18 -29.19 3.84 11.90
CA VAL D 18 -28.01 4.36 11.23
C VAL D 18 -27.80 5.82 11.55
N VAL D 19 -26.67 6.14 12.20
CA VAL D 19 -26.31 7.52 12.54
C VAL D 19 -25.33 8.07 11.51
N ILE D 20 -25.61 9.26 10.99
CA ILE D 20 -24.75 9.87 9.97
C ILE D 20 -24.38 11.31 10.33
N THR D 21 -23.11 11.53 10.63
CA THR D 21 -22.63 12.88 10.90
C THR D 21 -22.48 13.59 9.56
N GLY D 22 -22.73 14.90 9.54
CA GLY D 22 -22.77 15.66 8.27
C GLY D 22 -23.85 15.14 7.33
N GLY D 23 -24.91 14.56 7.90
CA GLY D 23 -25.90 13.83 7.12
C GLY D 23 -26.91 14.66 6.35
N SER D 24 -26.79 15.98 6.43
CA SER D 24 -27.78 16.88 5.84
C SER D 24 -27.36 17.41 4.49
N THR D 25 -26.12 17.16 4.09
CA THR D 25 -25.61 17.67 2.81
C THR D 25 -24.74 16.64 2.08
N GLY D 26 -24.45 16.91 0.81
CA GLY D 26 -23.52 16.13 0.01
C GLY D 26 -23.63 14.62 0.20
N LEU D 27 -22.51 13.99 0.53
CA LEU D 27 -22.45 12.52 0.63
C LEU D 27 -23.27 12.01 1.81
N GLY D 28 -23.25 12.77 2.90
CA GLY D 28 -24.03 12.42 4.08
C GLY D 28 -25.52 12.31 3.79
N ARG D 29 -26.02 13.25 3.01
CA ARG D 29 -27.46 13.29 2.67
C ARG D 29 -27.78 12.15 1.71
N ALA D 30 -26.98 12.02 0.66
CA ALA D 30 -27.12 10.88 -0.25
C ALA D 30 -27.14 9.56 0.52
N MET D 31 -26.28 9.40 1.52
CA MET D 31 -26.33 8.18 2.36
C MET D 31 -27.61 8.09 3.16
N ALA D 32 -28.02 9.20 3.76
CA ALA D 32 -29.27 9.27 4.54
C ALA D 32 -30.44 8.78 3.70
N VAL D 33 -30.57 9.37 2.51
CA VAL D 33 -31.61 9.01 1.54
C VAL D 33 -31.57 7.52 1.14
N ARG D 34 -30.37 7.01 0.85
CA ARG D 34 -30.20 5.59 0.49
C ARG D 34 -30.59 4.63 1.61
N PHE D 35 -30.25 4.95 2.85
CA PHE D 35 -30.63 4.05 3.95
C PHE D 35 -32.15 4.11 4.18
N GLY D 36 -32.73 5.28 3.90
CA GLY D 36 -34.18 5.42 3.88
C GLY D 36 -34.81 4.50 2.85
N GLN D 37 -34.25 4.47 1.63
CA GLN D 37 -34.73 3.61 0.54
C GLN D 37 -34.74 2.15 0.98
N GLU D 38 -33.91 1.82 1.95
CA GLU D 38 -33.80 0.47 2.47
C GLU D 38 -34.64 0.28 3.74
N GLU D 39 -35.42 1.31 4.08
CA GLU D 39 -36.32 1.30 5.24
C GLU D 39 -35.58 1.30 6.57
N ALA D 40 -34.47 2.03 6.62
CA ALA D 40 -33.70 2.18 7.84
C ALA D 40 -34.21 3.36 8.68
N LYS D 41 -33.82 3.36 9.94
CA LYS D 41 -34.08 4.49 10.85
C LYS D 41 -32.82 5.36 10.88
N VAL D 42 -32.87 6.46 10.13
CA VAL D 42 -31.73 7.35 9.96
C VAL D 42 -31.71 8.49 10.99
N VAL D 43 -30.54 8.70 11.61
CA VAL D 43 -30.31 9.84 12.48
C VAL D 43 -29.40 10.79 11.75
N ILE D 44 -29.95 11.92 11.30
CA ILE D 44 -29.21 12.92 10.55
C ILE D 44 -28.56 13.97 11.48
N ASN D 45 -27.25 13.89 11.65
CA ASN D 45 -26.52 14.91 12.39
C ASN D 45 -26.22 16.10 11.48
N TYR D 46 -26.30 17.31 12.04
CA TYR D 46 -25.99 18.52 11.30
C TYR D 46 -25.30 19.53 12.22
N TYR D 47 -24.59 20.48 11.60
CA TYR D 47 -23.86 21.48 12.35
C TYR D 47 -24.74 22.72 12.65
N ASN D 48 -25.24 23.37 11.62
CA ASN D 48 -25.96 24.64 11.81
C ASN D 48 -27.26 24.85 11.03
N ASN D 49 -27.29 24.49 9.74
CA ASN D 49 -28.45 24.78 8.90
C ASN D 49 -29.60 23.78 9.11
N GLU D 50 -30.50 24.12 10.04
CA GLU D 50 -31.57 23.23 10.48
C GLU D 50 -32.63 22.95 9.40
N GLU D 51 -32.98 23.97 8.60
CA GLU D 51 -33.98 23.78 7.54
C GLU D 51 -33.45 22.94 6.39
N GLU D 52 -32.12 22.88 6.27
CA GLU D 52 -31.46 21.97 5.35
C GLU D 52 -31.57 20.54 5.88
N ALA D 53 -31.29 20.38 7.17
CA ALA D 53 -31.40 19.09 7.84
C ALA D 53 -32.82 18.54 7.77
N LEU D 54 -33.80 19.43 7.99
CA LEU D 54 -35.21 19.04 7.92
C LEU D 54 -35.63 18.67 6.51
N ASP D 55 -35.09 19.40 5.52
CA ASP D 55 -35.25 19.05 4.10
C ASP D 55 -34.77 17.62 3.82
N ALA D 56 -33.64 17.23 4.41
CA ALA D 56 -33.10 15.86 4.26
C ALA D 56 -33.95 14.80 4.98
N LYS D 57 -34.39 15.11 6.19
CA LYS D 57 -35.34 14.27 6.95
C LYS D 57 -36.62 14.01 6.14
N LYS D 58 -37.11 15.04 5.45
CA LYS D 58 -38.25 14.94 4.54
C LYS D 58 -37.99 13.88 3.45
N GLU D 59 -36.83 13.97 2.82
CA GLU D 59 -36.43 13.04 1.76
C GLU D 59 -36.27 11.61 2.24
N VAL D 60 -35.68 11.43 3.41
CA VAL D 60 -35.52 10.09 4.00
C VAL D 60 -36.88 9.44 4.20
N GLU D 61 -37.84 10.24 4.64
CA GLU D 61 -39.22 9.78 4.87
C GLU D 61 -39.93 9.47 3.55
N GLU D 62 -39.83 10.40 2.61
CA GLU D 62 -40.40 10.23 1.27
C GLU D 62 -39.78 9.03 0.53
N ALA D 63 -38.52 8.69 0.85
CA ALA D 63 -37.87 7.52 0.25
C ALA D 63 -38.24 6.20 0.94
N GLY D 64 -38.82 6.29 2.13
CA GLY D 64 -39.37 5.12 2.79
C GLY D 64 -38.77 4.82 4.14
N GLY D 65 -37.96 5.72 4.66
CA GLY D 65 -37.35 5.51 5.97
C GLY D 65 -37.93 6.38 7.07
N GLN D 66 -37.49 6.11 8.30
CA GLN D 66 -37.72 6.99 9.44
C GLN D 66 -36.46 7.84 9.68
N ALA D 67 -36.64 9.05 10.21
CA ALA D 67 -35.53 9.98 10.39
C ALA D 67 -35.80 11.00 11.48
N ILE D 68 -34.77 11.28 12.29
CA ILE D 68 -34.74 12.44 13.21
C ILE D 68 -33.52 13.30 12.88
N ILE D 69 -33.58 14.59 13.19
CA ILE D 69 -32.39 15.44 13.06
C ILE D 69 -31.82 15.74 14.44
N VAL D 70 -30.49 15.76 14.54
CA VAL D 70 -29.80 16.05 15.80
C VAL D 70 -28.61 17.01 15.57
N GLN D 71 -28.68 18.19 16.18
CA GLN D 71 -27.56 19.11 16.12
C GLN D 71 -26.34 18.58 16.90
N GLY D 72 -25.15 18.81 16.37
CA GLY D 72 -23.91 18.38 17.00
C GLY D 72 -22.69 18.83 16.24
N ASP D 73 -21.69 19.27 16.99
CA ASP D 73 -20.37 19.60 16.47
C ASP D 73 -19.53 18.38 16.81
N VAL D 74 -19.00 17.71 15.77
CA VAL D 74 -18.23 16.46 15.99
C VAL D 74 -16.88 16.71 16.67
N THR D 75 -16.39 17.95 16.65
CA THR D 75 -15.19 18.29 17.43
C THR D 75 -15.48 18.39 18.93
N LYS D 76 -16.75 18.53 19.28
CA LYS D 76 -17.17 18.62 20.69
C LYS D 76 -17.58 17.26 21.20
N GLU D 77 -16.84 16.78 22.20
CA GLU D 77 -17.02 15.43 22.74
C GLU D 77 -18.43 15.12 23.25
N GLU D 78 -19.00 16.03 24.03
CA GLU D 78 -20.34 15.82 24.57
C GLU D 78 -21.41 15.79 23.46
N ASP D 79 -21.24 16.57 22.39
CA ASP D 79 -22.14 16.50 21.22
C ASP D 79 -22.15 15.13 20.54
N VAL D 80 -21.00 14.46 20.56
CA VAL D 80 -20.85 13.12 19.95
C VAL D 80 -21.51 12.08 20.85
N VAL D 81 -21.22 12.16 22.16
CA VAL D 81 -21.89 11.31 23.13
C VAL D 81 -23.40 11.51 23.06
N ASN D 82 -23.82 12.78 22.96
CA ASN D 82 -25.26 13.11 22.85
C ASN D 82 -25.95 12.51 21.61
N LEU D 83 -25.25 12.55 20.48
CA LEU D 83 -25.74 12.01 19.22
C LEU D 83 -26.05 10.52 19.35
N VAL D 84 -25.06 9.78 19.84
CA VAL D 84 -25.20 8.35 20.02
C VAL D 84 -26.27 8.03 21.07
N GLN D 85 -26.29 8.79 22.16
CA GLN D 85 -27.32 8.64 23.19
C GLN D 85 -28.74 8.91 22.67
N THR D 86 -28.92 10.01 21.94
CA THR D 86 -30.20 10.35 21.31
C THR D 86 -30.74 9.21 20.44
N ALA D 87 -29.88 8.62 19.62
CA ALA D 87 -30.25 7.50 18.73
C ALA D 87 -30.77 6.29 19.48
N ILE D 88 -30.06 5.89 20.54
CA ILE D 88 -30.48 4.75 21.36
C ILE D 88 -31.80 5.06 22.08
N LYS D 89 -31.92 6.28 22.60
CA LYS D 89 -33.14 6.69 23.31
C LYS D 89 -34.34 6.68 22.38
N GLU D 90 -34.21 7.33 21.22
CA GLU D 90 -35.31 7.51 20.27
C GLU D 90 -35.73 6.27 19.49
N PHE D 91 -34.76 5.41 19.15
CA PHE D 91 -35.04 4.26 18.29
C PHE D 91 -34.85 2.92 18.98
N GLY D 92 -34.25 2.93 20.16
CA GLY D 92 -34.09 1.71 20.96
C GLY D 92 -32.75 1.02 20.85
N THR D 93 -31.96 1.39 19.83
CA THR D 93 -30.66 0.76 19.59
C THR D 93 -29.80 1.56 18.60
N LEU D 94 -28.62 1.03 18.28
CA LEU D 94 -27.75 1.60 17.26
C LEU D 94 -27.18 0.43 16.48
N ASP D 95 -27.24 0.51 15.15
CA ASP D 95 -26.76 -0.59 14.31
C ASP D 95 -25.55 -0.20 13.45
N VAL D 96 -25.58 1.01 12.88
CA VAL D 96 -24.55 1.46 11.95
C VAL D 96 -24.14 2.90 12.29
N MET D 97 -22.84 3.10 12.50
CA MET D 97 -22.31 4.44 12.72
C MET D 97 -21.56 4.93 11.50
N ILE D 98 -21.99 6.06 10.95
CA ILE D 98 -21.30 6.63 9.80
C ILE D 98 -20.71 7.97 10.15
N ASN D 99 -19.39 8.01 10.25
CA ASN D 99 -18.65 9.23 10.54
C ASN D 99 -18.25 9.92 9.24
N ASN D 100 -19.01 10.93 8.86
CA ASN D 100 -18.91 11.48 7.52
C ASN D 100 -18.54 12.97 7.50
N ALA D 101 -18.74 13.66 8.61
CA ALA D 101 -18.43 15.09 8.70
C ALA D 101 -16.95 15.33 8.37
N GLY D 102 -16.69 16.36 7.57
CA GLY D 102 -15.33 16.75 7.28
C GLY D 102 -15.23 18.11 6.62
N VAL D 103 -14.07 18.74 6.80
CA VAL D 103 -13.76 20.03 6.15
C VAL D 103 -12.37 20.05 5.54
N GLU D 104 -12.15 21.03 4.67
CA GLU D 104 -10.88 21.22 3.98
C GLU D 104 -10.76 22.68 3.53
N ASN D 105 -9.52 23.12 3.28
CA ASN D 105 -9.25 24.43 2.65
C ASN D 105 -7.79 24.51 2.19
N PRO D 106 -7.51 25.18 1.05
CA PRO D 106 -6.12 25.17 0.54
C PRO D 106 -5.20 26.21 1.18
N VAL D 107 -4.08 25.74 1.76
CA VAL D 107 -3.04 26.62 2.30
C VAL D 107 -1.68 26.00 2.00
N PRO D 108 -0.78 26.74 1.31
CA PRO D 108 0.60 26.29 1.21
C PRO D 108 1.09 25.83 2.59
N SER D 109 1.64 24.63 2.67
CA SER D 109 1.91 23.98 3.96
C SER D 109 2.88 24.72 4.89
N HIS D 110 3.84 25.44 4.31
CA HIS D 110 4.78 26.21 5.11
C HIS D 110 4.14 27.46 5.71
N GLU D 111 2.90 27.73 5.30
CA GLU D 111 2.11 28.87 5.77
C GLU D 111 0.88 28.44 6.55
N LEU D 112 0.73 27.14 6.83
CA LEU D 112 -0.46 26.63 7.51
C LEU D 112 -0.37 26.83 9.01
N SER D 113 -1.36 27.51 9.59
CA SER D 113 -1.38 27.82 11.01
C SER D 113 -1.79 26.59 11.81
N LEU D 114 -1.28 26.49 13.04
CA LEU D 114 -1.73 25.43 13.95
C LEU D 114 -3.24 25.41 14.11
N ASP D 115 -3.86 26.59 14.19
CA ASP D 115 -5.31 26.68 14.33
C ASP D 115 -6.01 25.94 13.19
N ASN D 116 -5.59 26.25 11.98
CA ASN D 116 -6.15 25.66 10.78
C ASN D 116 -5.90 24.13 10.69
N TRP D 117 -4.65 23.72 10.86
CA TRP D 117 -4.29 22.31 10.98
C TRP D 117 -5.19 21.59 12.01
N ASN D 118 -5.36 22.21 13.19
CA ASN D 118 -6.09 21.59 14.30
C ASN D 118 -7.59 21.43 14.02
N LYS D 119 -8.18 22.41 13.34
CA LYS D 119 -9.61 22.37 13.02
C LYS D 119 -9.88 21.19 12.06
N VAL D 120 -8.95 20.96 11.13
CA VAL D 120 -9.11 19.89 10.15
C VAL D 120 -8.89 18.52 10.78
N ILE D 121 -7.87 18.40 11.61
CA ILE D 121 -7.53 17.16 12.33
C ILE D 121 -8.64 16.80 13.32
N ASP D 122 -9.07 17.79 14.08
CA ASP D 122 -10.15 17.60 15.05
C ASP D 122 -11.47 17.20 14.42
N THR D 123 -11.86 17.87 13.35
CA THR D 123 -13.09 17.57 12.63
C THR D 123 -12.93 16.21 11.96
N ASN D 124 -12.09 16.16 10.92
CA ASN D 124 -11.96 14.99 10.06
C ASN D 124 -11.56 13.71 10.79
N LEU D 125 -10.56 13.78 11.66
CA LEU D 125 -9.99 12.57 12.26
C LEU D 125 -10.50 12.30 13.67
N THR D 126 -10.34 13.28 14.56
CA THR D 126 -10.71 13.08 15.96
C THR D 126 -12.21 12.89 16.16
N GLY D 127 -13.00 13.62 15.40
CA GLY D 127 -14.44 13.45 15.44
C GLY D 127 -14.84 12.05 15.01
N ALA D 128 -14.16 11.52 13.99
CA ALA D 128 -14.40 10.13 13.55
C ALA D 128 -13.99 9.14 14.65
N PHE D 129 -12.89 9.40 15.35
CA PHE D 129 -12.53 8.56 16.50
C PHE D 129 -13.61 8.57 17.58
N LEU D 130 -14.09 9.76 17.91
CA LEU D 130 -15.12 9.92 18.96
C LEU D 130 -16.40 9.17 18.57
N GLY D 131 -16.90 9.45 17.38
CA GLY D 131 -18.02 8.72 16.79
C GLY D 131 -17.82 7.21 16.89
N SER D 132 -16.71 6.73 16.33
CA SER D 132 -16.36 5.30 16.39
C SER D 132 -16.31 4.77 17.81
N ARG D 133 -15.63 5.48 18.70
CA ARG D 133 -15.51 5.06 20.10
C ARG D 133 -16.89 4.89 20.78
N GLU D 134 -17.73 5.91 20.64
CA GLU D 134 -19.09 5.84 21.22
C GLU D 134 -19.93 4.65 20.71
N ALA D 135 -19.94 4.45 19.39
CA ALA D 135 -20.66 3.31 18.80
C ALA D 135 -20.12 1.96 19.27
N ILE D 136 -18.79 1.82 19.25
CA ILE D 136 -18.17 0.55 19.60
C ILE D 136 -18.36 0.26 21.09
N LYS D 137 -18.33 1.31 21.91
CA LYS D 137 -18.69 1.23 23.32
C LYS D 137 -20.08 0.57 23.46
N TYR D 138 -21.07 1.15 22.80
CA TYR D 138 -22.42 0.60 22.82
C TYR D 138 -22.46 -0.83 22.28
N PHE D 139 -21.83 -1.07 21.12
CA PHE D 139 -21.87 -2.41 20.51
C PHE D 139 -21.31 -3.46 21.47
N VAL D 140 -20.22 -3.12 22.15
CA VAL D 140 -19.52 -4.06 23.03
C VAL D 140 -20.34 -4.41 24.26
N GLU D 141 -20.90 -3.39 24.92
CA GLU D 141 -21.68 -3.56 26.16
C GLU D 141 -23.02 -4.29 25.97
N ASN D 142 -23.41 -4.50 24.72
CA ASN D 142 -24.72 -5.12 24.42
C ASN D 142 -24.63 -6.37 23.55
N ASP D 143 -23.41 -6.80 23.25
CA ASP D 143 -23.15 -7.93 22.36
C ASP D 143 -23.84 -7.77 21.01
N ILE D 144 -23.87 -6.54 20.50
CA ILE D 144 -24.40 -6.23 19.17
C ILE D 144 -23.28 -6.31 18.11
N LYS D 145 -23.53 -7.04 17.02
CA LYS D 145 -22.58 -7.13 15.92
C LYS D 145 -22.74 -5.90 14.99
N GLY D 146 -22.35 -4.75 15.53
CA GLY D 146 -22.55 -3.45 14.87
C GLY D 146 -21.61 -3.17 13.73
N ASN D 147 -21.72 -1.98 13.16
CA ASN D 147 -21.01 -1.69 11.95
C ASN D 147 -20.61 -0.22 11.92
N VAL D 148 -19.32 0.07 11.71
CA VAL D 148 -18.86 1.44 11.59
C VAL D 148 -18.35 1.71 10.18
N ILE D 149 -18.77 2.83 9.62
CA ILE D 149 -18.27 3.29 8.34
C ILE D 149 -17.69 4.69 8.52
N ASN D 150 -16.40 4.84 8.20
CA ASN D 150 -15.74 6.13 8.27
C ASN D 150 -15.54 6.68 6.87
N MET D 151 -15.88 7.94 6.66
CA MET D 151 -15.78 8.51 5.35
C MET D 151 -14.41 9.09 5.17
N SER D 152 -13.54 8.30 4.52
CA SER D 152 -12.19 8.73 4.23
C SER D 152 -12.18 9.50 2.91
N SER D 153 -11.20 9.21 2.05
CA SER D 153 -10.98 9.92 0.77
C SER D 153 -9.92 9.14 0.01
N VAL D 154 -9.77 9.46 -1.27
CA VAL D 154 -8.61 9.05 -2.00
C VAL D 154 -7.33 9.58 -1.33
N HIS D 155 -7.45 10.60 -0.50
CA HIS D 155 -6.28 11.25 0.14
C HIS D 155 -5.83 10.58 1.43
N GLU D 156 -6.35 9.39 1.69
CA GLU D 156 -5.68 8.50 2.62
C GLU D 156 -4.59 7.74 1.87
N MET D 157 -4.57 7.88 0.55
CA MET D 157 -3.52 7.28 -0.27
C MET D 157 -2.80 8.31 -1.16
N ILE D 158 -3.60 9.19 -1.77
CA ILE D 158 -3.07 10.24 -2.63
C ILE D 158 -2.62 11.48 -1.83
N PRO D 159 -1.31 11.78 -1.83
CA PRO D 159 -0.90 13.01 -1.14
C PRO D 159 -1.53 14.26 -1.79
N TRP D 160 -1.64 15.34 -1.02
CA TRP D 160 -2.38 16.49 -1.51
C TRP D 160 -1.74 17.81 -1.08
N PRO D 161 -0.74 18.27 -1.85
CA PRO D 161 -0.14 19.60 -1.68
C PRO D 161 -1.21 20.68 -1.48
N LEU D 162 -0.93 21.64 -0.60
CA LEU D 162 -1.87 22.67 -0.14
C LEU D 162 -2.98 22.15 0.80
N PHE D 163 -3.08 20.84 0.96
CA PHE D 163 -4.07 20.27 1.89
C PHE D 163 -3.45 19.25 2.84
N VAL D 164 -2.26 19.58 3.36
CA VAL D 164 -1.49 18.64 4.19
C VAL D 164 -2.27 18.18 5.42
N HIS D 165 -3.11 19.06 5.98
CA HIS D 165 -3.92 18.71 7.17
C HIS D 165 -5.02 17.69 6.85
N TYR D 166 -5.68 17.90 5.73
CA TYR D 166 -6.70 16.98 5.23
C TYR D 166 -6.08 15.59 4.91
N ALA D 167 -4.98 15.60 4.17
CA ALA D 167 -4.26 14.38 3.82
C ALA D 167 -3.87 13.62 5.09
N ALA D 168 -3.29 14.31 6.06
CA ALA D 168 -2.92 13.72 7.34
C ALA D 168 -4.13 13.16 8.07
N SER D 169 -5.25 13.90 8.08
CA SER D 169 -6.45 13.41 8.77
C SER D 169 -6.98 12.10 8.17
N LYS D 170 -6.99 12.02 6.84
CA LYS D 170 -7.50 10.81 6.17
C LYS D 170 -6.54 9.62 6.33
N GLY D 171 -5.23 9.90 6.26
CA GLY D 171 -4.20 8.86 6.52
C GLY D 171 -4.29 8.34 7.93
N GLY D 172 -4.59 9.21 8.88
CA GLY D 172 -4.87 8.77 10.26
C GLY D 172 -6.12 7.91 10.36
N MET D 173 -7.16 8.27 9.63
CA MET D 173 -8.45 7.54 9.69
C MET D 173 -8.28 6.08 9.24
N LYS D 174 -7.43 5.91 8.22
CA LYS D 174 -7.08 4.60 7.69
C LYS D 174 -6.56 3.71 8.82
N LEU D 175 -5.52 4.18 9.49
CA LEU D 175 -4.90 3.36 10.53
C LEU D 175 -5.82 3.19 11.75
N MET D 176 -6.61 4.23 12.04
CA MET D 176 -7.64 4.15 13.09
C MET D 176 -8.66 3.05 12.77
N THR D 177 -9.26 3.15 11.59
CA THR D 177 -10.24 2.18 11.09
C THR D 177 -9.65 0.76 11.05
N GLU D 178 -8.47 0.64 10.49
CA GLU D 178 -7.85 -0.67 10.37
C GLU D 178 -7.59 -1.32 11.74
N THR D 179 -7.18 -0.48 12.69
CA THR D 179 -6.94 -0.90 14.06
C THR D 179 -8.22 -1.34 14.77
N LEU D 180 -9.24 -0.50 14.76
CA LEU D 180 -10.56 -0.87 15.31
C LEU D 180 -11.07 -2.20 14.69
N ALA D 181 -10.89 -2.34 13.38
CA ALA D 181 -11.36 -3.51 12.65
C ALA D 181 -10.72 -4.75 13.23
N LEU D 182 -9.41 -4.66 13.45
CA LEU D 182 -8.63 -5.75 14.02
C LEU D 182 -8.95 -5.98 15.50
N GLU D 183 -9.08 -4.89 16.24
CA GLU D 183 -9.35 -4.98 17.67
C GLU D 183 -10.70 -5.64 17.96
N TYR D 184 -11.70 -5.31 17.14
CA TYR D 184 -13.08 -5.73 17.40
C TYR D 184 -13.65 -6.81 16.50
N ALA D 185 -12.81 -7.31 15.58
CA ALA D 185 -13.22 -8.37 14.69
C ALA D 185 -13.74 -9.61 15.44
N PRO D 186 -13.06 -10.02 16.53
CA PRO D 186 -13.55 -11.24 17.19
C PRO D 186 -14.95 -11.09 17.80
N LYS D 187 -15.47 -9.85 17.85
CA LYS D 187 -16.84 -9.59 18.31
C LYS D 187 -17.82 -9.49 17.17
N GLY D 188 -17.33 -9.65 15.95
CA GLY D 188 -18.16 -9.47 14.77
C GLY D 188 -18.58 -8.03 14.53
N ILE D 189 -17.84 -7.07 15.09
CA ILE D 189 -18.09 -5.65 14.79
C ILE D 189 -17.19 -5.29 13.63
N ARG D 190 -17.78 -4.82 12.53
CA ARG D 190 -16.98 -4.53 11.34
C ARG D 190 -16.75 -3.04 11.20
N VAL D 191 -15.53 -2.68 10.81
CA VAL D 191 -15.16 -1.28 10.63
C VAL D 191 -14.46 -1.07 9.30
N ASN D 192 -14.99 -0.15 8.49
CA ASN D 192 -14.51 0.04 7.13
C ASN D 192 -14.50 1.50 6.73
N ASN D 193 -13.60 1.87 5.82
CA ASN D 193 -13.58 3.19 5.21
C ASN D 193 -14.16 3.17 3.82
N ILE D 194 -14.73 4.30 3.39
CA ILE D 194 -15.00 4.56 1.98
C ILE D 194 -14.06 5.66 1.53
N GLY D 195 -13.49 5.55 0.33
CA GLY D 195 -12.61 6.59 -0.22
C GLY D 195 -13.08 7.20 -1.52
N PRO D 196 -13.93 8.25 -1.44
CA PRO D 196 -14.44 8.81 -2.70
C PRO D 196 -13.38 9.61 -3.39
N GLY D 197 -13.48 9.64 -4.72
CA GLY D 197 -12.73 10.59 -5.55
C GLY D 197 -13.51 11.89 -5.59
N ALA D 198 -13.31 12.70 -6.64
CA ALA D 198 -14.05 13.95 -6.80
C ALA D 198 -15.55 13.69 -6.98
N MET D 199 -16.36 14.20 -6.06
CA MET D 199 -17.82 14.00 -6.06
C MET D 199 -18.52 15.35 -6.17
N ASN D 200 -19.69 15.37 -6.80
CA ASN D 200 -20.50 16.58 -6.96
C ASN D 200 -21.29 16.94 -5.68
N THR D 201 -20.63 17.66 -4.76
CA THR D 201 -21.17 18.03 -3.47
C THR D 201 -20.76 19.47 -3.17
N PRO D 202 -21.27 20.05 -2.06
CA PRO D 202 -20.91 21.43 -1.68
C PRO D 202 -19.42 21.69 -1.42
N ILE D 203 -18.70 20.70 -0.90
CA ILE D 203 -17.27 20.87 -0.63
C ILE D 203 -16.52 21.30 -1.89
N ASN D 204 -17.07 20.95 -3.05
CA ASN D 204 -16.46 21.25 -4.34
C ASN D 204 -17.20 22.30 -5.19
N ALA D 205 -18.25 22.91 -4.64
CA ALA D 205 -19.13 23.81 -5.43
C ALA D 205 -18.40 25.04 -6.02
N GLU D 206 -17.62 25.74 -5.18
CA GLU D 206 -16.84 26.89 -5.65
C GLU D 206 -15.89 26.50 -6.77
N LYS D 207 -15.19 25.38 -6.56
CA LYS D 207 -14.26 24.81 -7.51
C LYS D 207 -14.93 24.48 -8.85
N PHE D 208 -16.10 23.85 -8.77
CA PHE D 208 -16.79 23.34 -9.95
C PHE D 208 -17.60 24.40 -10.70
N ALA D 209 -17.80 25.56 -10.07
CA ALA D 209 -18.49 26.69 -10.72
C ALA D 209 -17.63 27.25 -11.83
N ASP D 210 -16.32 27.16 -11.66
CA ASP D 210 -15.32 27.61 -12.65
C ASP D 210 -15.09 26.52 -13.72
N PRO D 211 -15.54 26.77 -14.97
CA PRO D 211 -15.50 25.75 -16.00
C PRO D 211 -14.09 25.23 -16.38
N VAL D 212 -13.05 26.04 -16.16
CA VAL D 212 -11.68 25.59 -16.43
C VAL D 212 -11.18 24.61 -15.34
N GLN D 213 -11.47 24.92 -14.08
CA GLN D 213 -11.15 24.03 -12.96
C GLN D 213 -11.96 22.74 -13.00
N ARG D 214 -13.27 22.86 -13.28
CA ARG D 214 -14.13 21.70 -13.44
C ARG D 214 -13.53 20.74 -14.45
N ALA D 215 -13.13 21.28 -15.61
CA ALA D 215 -12.48 20.50 -16.66
C ALA D 215 -11.14 19.89 -16.20
N ASP D 216 -10.42 20.61 -15.34
CA ASP D 216 -9.11 20.16 -14.86
C ASP D 216 -9.28 18.95 -13.93
N VAL D 217 -10.22 19.05 -12.99
CA VAL D 217 -10.56 17.95 -12.10
C VAL D 217 -11.03 16.72 -12.88
N GLU D 218 -11.90 16.92 -13.86
CA GLU D 218 -12.36 15.80 -14.71
C GLU D 218 -11.22 15.15 -15.47
N SER D 219 -10.19 15.94 -15.80
CA SER D 219 -9.03 15.42 -16.53
C SER D 219 -8.19 14.52 -15.63
N MET D 220 -8.46 14.55 -14.34
CA MET D 220 -7.78 13.72 -13.35
C MET D 220 -8.57 12.47 -12.95
N ILE D 221 -9.75 12.33 -13.55
CA ILE D 221 -10.61 11.18 -13.29
C ILE D 221 -10.58 10.27 -14.52
N PRO D 222 -9.95 9.10 -14.39
CA PRO D 222 -9.85 8.22 -15.55
C PRO D 222 -11.20 7.86 -16.19
N MET D 223 -12.21 7.61 -15.37
CA MET D 223 -13.55 7.34 -15.92
C MET D 223 -14.17 8.58 -16.60
N GLY D 224 -13.66 9.77 -16.29
CA GLY D 224 -13.97 10.98 -17.08
C GLY D 224 -15.12 11.84 -16.61
N TYR D 225 -15.71 11.51 -15.46
CA TYR D 225 -16.79 12.30 -14.89
C TYR D 225 -16.69 12.36 -13.38
N ILE D 226 -17.15 13.49 -12.84
CA ILE D 226 -17.23 13.73 -11.40
C ILE D 226 -18.34 12.86 -10.82
N GLY D 227 -18.06 12.20 -9.70
CA GLY D 227 -18.97 11.20 -9.14
C GLY D 227 -20.29 11.77 -8.64
N LYS D 228 -21.35 11.00 -8.80
CA LYS D 228 -22.67 11.39 -8.30
C LYS D 228 -22.73 10.90 -6.87
N PRO D 229 -23.24 11.73 -5.94
CA PRO D 229 -23.24 11.31 -4.54
C PRO D 229 -23.86 9.93 -4.24
N GLU D 230 -24.81 9.50 -5.05
CA GLU D 230 -25.50 8.23 -4.82
C GLU D 230 -24.62 7.02 -5.11
N GLU D 231 -23.58 7.25 -5.92
CA GLU D 231 -22.58 6.22 -6.20
C GLU D 231 -21.77 5.89 -4.96
N VAL D 232 -21.58 6.86 -4.06
CA VAL D 232 -20.90 6.62 -2.80
C VAL D 232 -21.83 5.95 -1.79
N ALA D 233 -23.10 6.38 -1.77
CA ALA D 233 -24.12 5.80 -0.87
C ALA D 233 -24.39 4.33 -1.19
N ALA D 234 -24.38 4.01 -2.48
CA ALA D 234 -24.43 2.60 -2.92
C ALA D 234 -23.37 1.74 -2.21
N VAL D 235 -22.16 2.28 -2.13
CA VAL D 235 -21.05 1.62 -1.44
C VAL D 235 -21.32 1.48 0.07
N ALA D 236 -21.78 2.55 0.72
CA ALA D 236 -22.11 2.46 2.17
C ALA D 236 -23.22 1.45 2.46
N ALA D 237 -24.27 1.49 1.65
CA ALA D 237 -25.34 0.49 1.74
C ALA D 237 -24.78 -0.93 1.66
N PHE D 238 -23.92 -1.19 0.68
CA PHE D 238 -23.26 -2.51 0.58
C PHE D 238 -22.47 -2.86 1.82
N LEU D 239 -21.52 -1.99 2.21
CA LEU D 239 -20.66 -2.20 3.38
C LEU D 239 -21.44 -2.38 4.68
N ALA D 240 -22.52 -1.63 4.84
CA ALA D 240 -23.32 -1.73 6.06
C ALA D 240 -24.12 -3.03 6.11
N SER D 241 -24.38 -3.63 4.95
CA SER D 241 -25.24 -4.81 4.87
C SER D 241 -24.53 -6.12 5.15
N SER D 242 -25.30 -7.17 5.34
CA SER D 242 -24.68 -8.47 5.60
C SER D 242 -24.14 -9.11 4.30
N GLN D 243 -24.32 -8.44 3.17
CA GLN D 243 -23.61 -8.84 1.95
C GLN D 243 -22.09 -8.69 2.09
N ALA D 244 -21.67 -7.73 2.92
CA ALA D 244 -20.26 -7.52 3.25
C ALA D 244 -19.87 -8.19 4.58
N SER D 245 -20.49 -9.32 4.92
CA SER D 245 -20.24 -10.01 6.19
C SER D 245 -18.77 -10.35 6.47
N TYR D 246 -18.01 -10.70 5.43
CA TYR D 246 -16.60 -11.05 5.59
C TYR D 246 -15.63 -9.88 5.35
N VAL D 247 -16.19 -8.69 5.25
CA VAL D 247 -15.41 -7.54 4.84
C VAL D 247 -15.26 -6.60 6.03
N THR D 248 -14.03 -6.47 6.52
CA THR D 248 -13.71 -5.54 7.60
C THR D 248 -12.28 -5.01 7.45
N GLY D 249 -12.07 -3.76 7.86
CA GLY D 249 -10.73 -3.18 7.86
C GLY D 249 -10.28 -2.65 6.51
N ILE D 250 -11.20 -2.60 5.54
CA ILE D 250 -10.81 -2.21 4.19
C ILE D 250 -11.07 -0.74 3.93
N THR D 251 -10.47 -0.21 2.89
CA THR D 251 -10.89 1.07 2.36
C THR D 251 -11.43 0.78 0.97
N LEU D 252 -12.71 1.03 0.76
CA LEU D 252 -13.30 0.79 -0.55
C LEU D 252 -13.28 2.12 -1.29
N PHE D 253 -12.38 2.24 -2.25
CA PHE D 253 -12.31 3.46 -3.05
C PHE D 253 -13.41 3.49 -4.10
N ALA D 254 -14.18 4.58 -4.12
CA ALA D 254 -15.12 4.81 -5.20
C ALA D 254 -14.70 6.11 -5.85
N ASP D 255 -13.84 6.00 -6.86
CA ASP D 255 -13.07 7.16 -7.31
C ASP D 255 -12.92 7.28 -8.80
N GLY D 256 -13.59 6.42 -9.57
CA GLY D 256 -13.48 6.49 -11.03
C GLY D 256 -12.05 6.31 -11.51
N GLY D 257 -11.23 5.68 -10.65
CA GLY D 257 -9.86 5.34 -10.98
C GLY D 257 -8.77 6.32 -10.55
N MET D 258 -9.13 7.26 -9.67
CA MET D 258 -8.19 8.32 -9.27
C MET D 258 -6.91 7.78 -8.59
N THR D 259 -7.06 6.75 -7.75
CA THR D 259 -5.92 6.18 -7.03
C THR D 259 -4.94 5.41 -7.94
N LYS D 260 -5.29 5.26 -9.21
CA LYS D 260 -4.51 4.53 -10.18
C LYS D 260 -3.50 5.41 -10.93
N TYR D 261 -3.34 6.66 -10.50
CA TYR D 261 -2.32 7.58 -11.02
C TYR D 261 -2.72 8.13 -12.39
N PRO D 262 -3.63 9.13 -12.41
CA PRO D 262 -4.15 9.64 -13.68
C PRO D 262 -3.10 10.07 -14.72
N SER D 263 -1.94 10.53 -14.28
CA SER D 263 -0.95 11.02 -15.24
C SER D 263 -0.24 9.93 -16.03
N PHE D 264 -0.36 8.67 -15.58
CA PHE D 264 0.34 7.59 -16.26
C PHE D 264 -0.52 6.88 -17.33
N GLN D 265 -1.71 7.42 -17.56
CA GLN D 265 -2.52 6.99 -18.70
C GLN D 265 -1.71 7.10 -19.98
N PHE D 266 -2.08 6.25 -20.95
CA PHE D 266 -1.55 6.30 -22.32
C PHE D 266 -0.10 5.90 -22.42
N GLY D 267 0.44 5.35 -21.33
CA GLY D 267 1.82 4.92 -21.29
C GLY D 267 2.82 6.06 -21.17
N ARG D 268 2.38 7.21 -20.67
CA ARG D 268 3.26 8.33 -20.36
C ARG D 268 4.18 7.92 -19.23
N GLY D 269 5.35 8.54 -19.18
CA GLY D 269 6.29 8.30 -18.08
C GLY D 269 7.54 7.57 -18.51
#